data_6HF0
#
_entry.id   6HF0
#
_cell.length_a   78.640
_cell.length_b   85.410
_cell.length_c   80.410
_cell.angle_alpha   90.00
_cell.angle_beta   103.20
_cell.angle_gamma   90.00
#
_symmetry.space_group_name_H-M   'P 1 21 1'
#
loop_
_entity.id
_entity.type
_entity.pdbx_description
1 polymer 'Decaprenylphosphoryl-beta-D-ribose oxidase'
2 non-polymer 'FLAVIN-ADENINE DINUCLEOTIDE'
3 non-polymer 2-[(2~{S},6~{R})-2,6-dimethylpiperidin-1-yl]-8-nitro-6-(trifluoromethyl)-1,3-benzoxazin-4-one
4 water water
#
_entity_poly.entity_id   1
_entity_poly.type   'polypeptide(L)'
_entity_poly.pdbx_seq_one_letter_code
;MGSSHHHHHHSSGLVPRGSHMLSVGATTTATRLTGWGRTAPSVANVLRTPDAEMIVKAVARVAESGGGRGAIARGLGRSY
GDNAQNGGGLVIDMTPLNTIHSIDADTKLVDIDAGVNLDQLMKAALPFGLWVPVLPGTRQVTVGGAIACDIHGKNHHSAG
SFGNHVRSMDLLTADGEIRHLTPTGEDAELFWATVGGNGLTGIIMRATIEMTPTSTAYFIADGDVTASLDETIALHSDGS
EARYTYSSAWFDAISAPPKLGRAAVSRGRLATVEQLPAKLRSEPLKFDAPQLLTLPDVFPNGLANKYTFGPIGELWYRKS
GTYRGKVQNLTQFYHPLDMFGEWNRAYGPAGFLQYQFVIPTEAVDEFKKIIGVIQASGHYSFLNVFKLFGPRNQAPLSFP
IPGWNICVDFPIKDGLGKFVSELDRRVLEFGGRLYTAKDSRTTAETFHAMYPRVDEWISVRRKVDPLRVFASDMARRLEL
L
;
_entity_poly.pdbx_strand_id   A,B
#
loop_
_chem_comp.id
_chem_comp.type
_chem_comp.name
_chem_comp.formula
FAD non-polymer 'FLAVIN-ADENINE DINUCLEOTIDE' 'C27 H33 N9 O15 P2'
G1H non-polymer 2-[(2~{S},6~{R})-2,6-dimethylpiperidin-1-yl]-8-nitro-6-(trifluoromethyl)-1,3-benzoxazin-4-one 'C16 H16 F3 N3 O4'
#
# COMPACT_ATOMS: atom_id res chain seq x y z
N THR A 27 17.38 24.17 -17.57
CA THR A 27 16.12 23.53 -17.22
C THR A 27 15.89 22.26 -18.03
N THR A 28 16.20 22.32 -19.33
CA THR A 28 15.92 21.21 -20.24
C THR A 28 17.21 20.49 -20.70
N THR A 29 17.05 19.28 -21.22
CA THR A 29 18.17 18.51 -21.78
C THR A 29 17.77 17.89 -23.11
N ALA A 30 18.45 18.30 -24.19
CA ALA A 30 18.22 17.74 -25.52
C ALA A 30 18.60 16.26 -25.57
N THR A 31 17.62 15.40 -25.83
CA THR A 31 17.84 13.96 -25.76
C THR A 31 17.31 13.24 -27.01
N ARG A 32 17.85 12.05 -27.26
CA ARG A 32 17.51 11.24 -28.42
C ARG A 32 16.47 10.17 -28.07
N LEU A 33 15.23 10.38 -28.50
CA LEU A 33 14.10 9.56 -28.06
C LEU A 33 13.57 8.58 -29.11
N THR A 34 13.39 7.32 -28.70
CA THR A 34 12.66 6.35 -29.50
C THR A 34 11.44 5.83 -28.74
N GLY A 35 10.51 5.20 -29.46
CA GLY A 35 9.46 4.43 -28.85
C GLY A 35 10.09 3.13 -28.39
N TRP A 36 9.30 2.24 -27.80
CA TRP A 36 9.83 0.98 -27.27
C TRP A 36 10.44 0.08 -28.36
N GLY A 37 9.92 0.23 -29.59
CA GLY A 37 10.39 -0.55 -30.72
C GLY A 37 11.75 -0.12 -31.20
N ARG A 38 12.25 0.99 -30.64
CA ARG A 38 13.59 1.51 -30.90
C ARG A 38 13.77 1.92 -32.37
N THR A 39 12.70 2.43 -32.97
CA THR A 39 12.73 2.87 -34.37
C THR A 39 12.29 4.32 -34.54
N ALA A 40 12.78 4.95 -35.61
CA ALA A 40 12.51 6.36 -35.91
C ALA A 40 12.90 7.36 -34.82
N PRO A 41 14.20 7.40 -34.45
CA PRO A 41 14.64 8.31 -33.38
C PRO A 41 14.46 9.78 -33.75
N SER A 42 14.25 10.64 -32.76
CA SER A 42 14.24 12.08 -32.99
C SER A 42 14.76 12.80 -31.74
N VAL A 43 15.36 13.96 -31.93
CA VAL A 43 15.96 14.69 -30.82
C VAL A 43 15.06 15.81 -30.31
N ALA A 44 14.76 15.78 -29.01
CA ALA A 44 13.92 16.80 -28.39
C ALA A 44 14.53 17.28 -27.07
N ASN A 45 14.13 18.47 -26.66
CA ASN A 45 14.51 19.00 -25.36
C ASN A 45 13.63 18.41 -24.27
N VAL A 46 14.23 17.66 -23.33
CA VAL A 46 13.48 16.91 -22.34
C VAL A 46 13.50 17.50 -20.92
N LEU A 47 12.37 18.10 -20.54
CA LEU A 47 12.17 18.58 -19.18
C LEU A 47 11.84 17.42 -18.24
N ARG A 48 12.55 17.30 -17.12
CA ARG A 48 12.34 16.17 -16.22
C ARG A 48 12.31 16.55 -14.73
N THR A 49 11.27 17.27 -14.34
CA THR A 49 11.17 17.80 -12.96
C THR A 49 9.93 17.29 -12.19
N PRO A 50 10.06 17.15 -10.86
CA PRO A 50 8.95 16.77 -9.98
C PRO A 50 8.08 17.95 -9.60
N ASP A 51 8.49 19.14 -10.04
CA ASP A 51 7.80 20.38 -9.69
C ASP A 51 6.72 20.71 -10.72
N ALA A 52 5.47 20.57 -10.30
CA ALA A 52 4.33 20.89 -11.17
C ALA A 52 4.33 22.35 -11.62
N GLU A 53 5.07 23.20 -10.92
CA GLU A 53 5.17 24.62 -11.28
C GLU A 53 6.03 24.81 -12.52
N MET A 54 7.20 24.18 -12.52
CA MET A 54 8.12 24.32 -13.65
C MET A 54 7.48 23.81 -14.94
N ILE A 55 6.68 22.75 -14.80
CA ILE A 55 5.96 22.17 -15.93
C ILE A 55 4.93 23.15 -16.49
N VAL A 56 4.14 23.77 -15.61
CA VAL A 56 3.14 24.76 -16.02
C VAL A 56 3.83 25.95 -16.69
N LYS A 57 5.05 26.26 -16.26
CA LYS A 57 5.77 27.38 -16.81
C LYS A 57 6.48 27.01 -18.10
N ALA A 58 6.98 25.79 -18.19
CA ALA A 58 7.63 25.34 -19.43
C ALA A 58 6.63 25.33 -20.58
N VAL A 59 5.36 25.16 -20.25
CA VAL A 59 4.27 25.23 -21.21
C VAL A 59 4.01 26.66 -21.69
N ALA A 60 3.91 27.62 -20.77
CA ALA A 60 3.76 29.01 -21.16
C ALA A 60 5.03 29.56 -21.84
N ARG A 61 6.13 28.85 -21.65
CA ARG A 61 7.42 29.17 -22.28
C ARG A 61 7.44 28.57 -23.68
N VAL A 62 6.31 27.97 -24.07
CA VAL A 62 6.17 27.37 -25.39
C VAL A 62 4.99 28.02 -26.11
N ALA A 63 3.95 28.36 -25.36
CA ALA A 63 2.80 29.07 -25.90
C ALA A 63 3.09 30.55 -26.11
N GLU A 64 4.28 30.99 -25.72
CA GLU A 64 4.68 32.39 -25.87
C GLU A 64 5.46 32.61 -27.16
N SER A 65 6.17 31.58 -27.60
CA SER A 65 7.02 31.67 -28.79
C SER A 65 6.26 31.30 -30.07
N GLY A 66 4.95 31.50 -30.05
CA GLY A 66 4.08 31.11 -31.14
C GLY A 66 3.59 29.69 -30.97
N GLY A 67 4.03 28.82 -31.88
CA GLY A 67 3.75 27.40 -31.78
C GLY A 67 5.05 26.61 -31.84
N GLY A 68 5.88 26.96 -32.81
CA GLY A 68 7.16 26.29 -33.02
C GLY A 68 6.94 24.81 -33.23
N ARG A 69 7.64 23.98 -32.49
CA ARG A 69 7.46 22.54 -32.58
C ARG A 69 6.76 21.99 -31.35
N GLY A 70 6.24 22.90 -30.55
CA GLY A 70 5.32 22.59 -29.47
C GLY A 70 5.85 21.72 -28.34
N ALA A 71 4.93 21.02 -27.69
CA ALA A 71 5.28 20.18 -26.56
C ALA A 71 4.43 18.92 -26.45
N ILE A 72 5.05 17.80 -26.09
CA ILE A 72 4.32 16.57 -25.83
C ILE A 72 4.74 15.97 -24.46
N ALA A 73 3.77 15.37 -23.77
CA ALA A 73 4.09 14.62 -22.54
C ALA A 73 4.69 13.25 -22.86
N ARG A 74 5.56 12.76 -21.98
CA ARG A 74 6.09 11.40 -22.11
C ARG A 74 5.94 10.66 -20.78
N GLY A 75 5.71 9.35 -20.83
CA GLY A 75 5.59 8.56 -19.61
C GLY A 75 6.80 7.65 -19.43
N LEU A 76 6.54 6.37 -19.26
CA LEU A 76 7.61 5.37 -19.24
C LEU A 76 8.11 4.94 -20.63
N GLY A 77 7.60 5.61 -21.67
CA GLY A 77 8.06 5.38 -23.04
C GLY A 77 7.85 3.98 -23.59
N ARG A 78 6.84 3.29 -23.07
CA ARG A 78 6.53 1.93 -23.49
C ARG A 78 5.76 1.85 -24.79
N SER A 79 5.15 2.96 -25.21
CA SER A 79 4.47 2.99 -26.51
C SER A 79 5.51 2.75 -27.61
N TYR A 80 5.28 1.75 -28.45
CA TYR A 80 6.14 1.46 -29.61
C TYR A 80 6.16 2.59 -30.64
N GLY A 81 5.05 3.31 -30.74
CA GLY A 81 4.86 4.37 -31.70
C GLY A 81 5.75 5.58 -31.48
N ASP A 82 5.31 6.70 -32.03
CA ASP A 82 6.05 7.95 -31.96
C ASP A 82 5.18 9.05 -31.36
N ASN A 83 4.22 8.64 -30.53
CA ASN A 83 3.32 9.59 -29.85
C ASN A 83 3.97 10.34 -28.69
N ALA A 84 5.10 9.83 -28.21
CA ALA A 84 5.83 10.41 -27.09
C ALA A 84 7.19 10.91 -27.53
N GLN A 85 7.23 11.48 -28.74
CA GLN A 85 8.41 12.12 -29.31
C GLN A 85 7.96 13.42 -29.93
N ASN A 86 8.85 14.40 -29.94
CA ASN A 86 8.51 15.67 -30.56
C ASN A 86 9.80 16.31 -31.05
N GLY A 87 10.49 15.61 -31.95
CA GLY A 87 11.77 16.06 -32.50
C GLY A 87 11.83 17.54 -32.86
N GLY A 88 12.76 18.26 -32.25
CA GLY A 88 12.87 19.69 -32.46
C GLY A 88 11.90 20.50 -31.61
N GLY A 89 11.22 19.80 -30.71
CA GLY A 89 10.32 20.45 -29.77
C GLY A 89 10.60 20.03 -28.34
N LEU A 90 9.60 20.22 -27.49
CA LEU A 90 9.73 19.91 -26.06
C LEU A 90 9.03 18.61 -25.67
N VAL A 91 9.80 17.71 -25.07
CA VAL A 91 9.25 16.48 -24.47
C VAL A 91 9.30 16.54 -22.94
N ILE A 92 8.13 16.50 -22.30
CA ILE A 92 8.06 16.56 -20.84
C ILE A 92 7.93 15.19 -20.17
N ASP A 93 9.00 14.75 -19.51
CA ASP A 93 9.00 13.48 -18.80
C ASP A 93 8.17 13.61 -17.52
N MET A 94 7.11 12.81 -17.42
CA MET A 94 6.15 12.90 -16.31
C MET A 94 6.44 11.95 -15.17
N THR A 95 7.44 11.08 -15.33
CA THR A 95 7.77 10.09 -14.30
C THR A 95 8.23 10.64 -12.93
N PRO A 96 8.69 11.91 -12.86
CA PRO A 96 8.92 12.42 -11.50
C PRO A 96 7.62 12.64 -10.73
N LEU A 97 6.53 12.98 -11.41
CA LEU A 97 5.25 13.14 -10.71
C LEU A 97 4.61 11.82 -10.30
N ASN A 98 5.20 11.11 -9.34
CA ASN A 98 4.68 9.80 -9.00
C ASN A 98 4.06 9.68 -7.59
N THR A 99 3.42 10.76 -7.13
CA THR A 99 2.77 10.75 -5.81
C THR A 99 1.39 10.10 -5.84
N ILE A 100 1.23 9.03 -5.07
CA ILE A 100 -0.10 8.51 -4.75
C ILE A 100 -0.66 9.36 -3.60
N HIS A 101 -1.68 10.14 -3.89
CA HIS A 101 -2.26 11.06 -2.91
C HIS A 101 -3.17 10.37 -1.92
N SER A 102 -3.95 9.40 -2.39
CA SER A 102 -4.90 8.73 -1.51
C SER A 102 -5.51 7.51 -2.14
N ILE A 103 -5.86 6.54 -1.30
CA ILE A 103 -6.59 5.36 -1.71
C ILE A 103 -7.70 5.20 -0.68
N ASP A 104 -8.89 4.85 -1.12
CA ASP A 104 -10.03 4.73 -0.23
C ASP A 104 -10.75 3.46 -0.58
N ALA A 105 -10.89 2.55 0.39
CA ALA A 105 -11.44 1.23 0.12
C ALA A 105 -12.96 1.23 0.10
N ASP A 106 -13.55 2.33 0.57
CA ASP A 106 -15.00 2.43 0.65
C ASP A 106 -15.57 2.92 -0.67
N THR A 107 -14.98 4.00 -1.19
CA THR A 107 -15.39 4.56 -2.47
C THR A 107 -14.67 3.85 -3.63
N LYS A 108 -13.64 3.08 -3.30
CA LYS A 108 -12.76 2.39 -4.26
C LYS A 108 -12.05 3.38 -5.16
N LEU A 109 -11.98 4.63 -4.73
CA LEU A 109 -11.30 5.66 -5.49
C LEU A 109 -9.83 5.76 -5.14
N VAL A 110 -9.03 5.97 -6.16
CA VAL A 110 -7.60 6.11 -6.00
C VAL A 110 -7.28 7.43 -6.70
N ASP A 111 -6.39 8.21 -6.11
CA ASP A 111 -6.14 9.57 -6.55
C ASP A 111 -4.65 9.73 -6.72
N ILE A 112 -4.17 9.71 -7.94
CA ILE A 112 -2.73 9.68 -8.15
C ILE A 112 -2.23 10.71 -9.15
N ASP A 113 -0.93 10.93 -9.13
CA ASP A 113 -0.28 11.77 -10.11
C ASP A 113 -0.17 10.99 -11.43
N ALA A 114 -0.08 11.70 -12.54
CA ALA A 114 -0.07 11.05 -13.85
C ALA A 114 1.20 10.24 -14.03
N GLY A 115 2.23 10.55 -13.25
CA GLY A 115 3.49 9.84 -13.34
C GLY A 115 3.57 8.49 -12.64
N VAL A 116 2.57 8.13 -11.82
CA VAL A 116 2.65 6.83 -11.17
C VAL A 116 2.40 5.72 -12.17
N ASN A 117 3.21 4.66 -12.08
CA ASN A 117 3.01 3.53 -12.96
C ASN A 117 2.06 2.51 -12.34
N LEU A 118 1.55 1.59 -13.17
CA LEU A 118 0.52 0.68 -12.72
C LEU A 118 1.06 -0.39 -11.81
N ASP A 119 2.37 -0.61 -11.84
CA ASP A 119 2.96 -1.60 -10.95
C ASP A 119 3.01 -1.02 -9.52
N GLN A 120 3.56 0.18 -9.39
CA GLN A 120 3.54 0.97 -8.18
C GLN A 120 2.11 1.03 -7.61
N LEU A 121 1.15 1.37 -8.47
CA LEU A 121 -0.25 1.50 -8.06
C LEU A 121 -0.87 0.18 -7.62
N MET A 122 -0.50 -0.92 -8.28
CA MET A 122 -1.04 -2.22 -7.92
C MET A 122 -0.57 -2.64 -6.53
N LYS A 123 0.69 -2.34 -6.21
CA LYS A 123 1.25 -2.76 -4.95
C LYS A 123 0.64 -1.96 -3.80
N ALA A 124 0.39 -0.68 -4.05
CA ALA A 124 -0.17 0.22 -3.04
C ALA A 124 -1.63 -0.09 -2.78
N ALA A 125 -2.33 -0.60 -3.79
CA ALA A 125 -3.78 -0.75 -3.64
C ALA A 125 -4.24 -2.12 -3.16
N LEU A 126 -3.41 -3.14 -3.37
CA LEU A 126 -3.75 -4.49 -2.94
C LEU A 126 -4.17 -4.58 -1.47
N PRO A 127 -3.42 -3.94 -0.54
CA PRO A 127 -3.83 -4.04 0.87
C PRO A 127 -5.22 -3.50 1.20
N PHE A 128 -5.85 -2.80 0.28
CA PHE A 128 -7.16 -2.20 0.50
C PHE A 128 -8.25 -3.07 -0.13
N GLY A 129 -7.87 -4.24 -0.60
CA GLY A 129 -8.76 -5.05 -1.42
C GLY A 129 -9.17 -4.40 -2.74
N LEU A 130 -8.29 -3.62 -3.33
CA LEU A 130 -8.56 -3.00 -4.65
C LEU A 130 -7.63 -3.47 -5.78
N TRP A 131 -8.21 -3.73 -6.95
CA TRP A 131 -7.47 -4.22 -8.14
C TRP A 131 -7.52 -3.19 -9.26
N VAL A 132 -6.36 -2.89 -9.87
CA VAL A 132 -6.29 -2.08 -11.07
C VAL A 132 -7.24 -2.67 -12.15
N PRO A 133 -8.16 -1.84 -12.66
CA PRO A 133 -9.31 -2.37 -13.40
C PRO A 133 -8.94 -2.85 -14.81
N VAL A 134 -7.89 -2.28 -15.37
CA VAL A 134 -7.38 -2.69 -16.66
C VAL A 134 -5.87 -2.78 -16.55
N LEU A 135 -5.33 -3.95 -16.81
CA LEU A 135 -3.89 -4.12 -16.87
C LEU A 135 -3.43 -4.53 -18.28
N PRO A 136 -2.37 -3.87 -18.76
CA PRO A 136 -1.76 -4.24 -20.05
C PRO A 136 -0.69 -5.32 -19.82
N GLY A 137 -0.07 -5.79 -20.89
CA GLY A 137 0.90 -6.87 -20.81
C GLY A 137 2.25 -6.51 -20.21
N THR A 138 2.44 -5.24 -19.89
CA THR A 138 3.59 -4.82 -19.08
C THR A 138 3.09 -3.83 -18.02
N ARG A 139 3.68 -3.84 -16.83
CA ARG A 139 3.16 -2.99 -15.74
C ARG A 139 3.92 -1.67 -15.65
N GLN A 140 5.02 -1.59 -16.39
CA GLN A 140 5.80 -0.36 -16.46
C GLN A 140 5.17 0.64 -17.42
N VAL A 141 4.00 1.13 -17.00
CA VAL A 141 3.18 2.03 -17.78
C VAL A 141 2.62 3.10 -16.84
N THR A 142 2.75 4.38 -17.19
CA THR A 142 2.18 5.42 -16.36
C THR A 142 0.69 5.52 -16.53
N VAL A 143 0.06 6.25 -15.62
CA VAL A 143 -1.38 6.47 -15.66
C VAL A 143 -1.68 7.42 -16.81
N GLY A 144 -0.79 8.41 -17.00
CA GLY A 144 -0.88 9.30 -18.13
C GLY A 144 -1.00 8.53 -19.43
N GLY A 145 -0.05 7.62 -19.67
CA GLY A 145 -0.01 6.80 -20.87
C GLY A 145 -1.19 5.85 -21.00
N ALA A 146 -1.64 5.33 -19.86
CA ALA A 146 -2.77 4.40 -19.82
C ALA A 146 -4.04 5.08 -20.30
N ILE A 147 -4.19 6.35 -19.92
CA ILE A 147 -5.32 7.14 -20.36
C ILE A 147 -5.17 7.64 -21.82
N ALA A 148 -4.05 8.31 -22.10
CA ALA A 148 -3.76 8.81 -23.44
C ALA A 148 -3.80 7.76 -24.56
N CYS A 149 -3.49 6.50 -24.27
CA CYS A 149 -3.69 5.47 -25.30
C CYS A 149 -4.96 4.67 -25.04
N ASP A 150 -5.68 5.01 -23.96
CA ASP A 150 -6.90 4.28 -23.60
C ASP A 150 -6.66 2.77 -23.66
N ILE A 151 -5.71 2.29 -22.87
CA ILE A 151 -5.24 0.91 -22.98
C ILE A 151 -6.30 -0.11 -22.62
N HIS A 152 -6.12 -1.31 -23.17
CA HIS A 152 -7.04 -2.42 -22.95
C HIS A 152 -6.22 -3.53 -22.34
N GLY A 153 -6.90 -4.57 -21.89
CA GLY A 153 -6.23 -5.76 -21.38
C GLY A 153 -7.09 -6.99 -21.55
N LYS A 154 -6.69 -8.06 -20.86
CA LYS A 154 -7.33 -9.37 -21.02
C LYS A 154 -8.80 -9.37 -20.63
N ASN A 155 -9.21 -8.34 -19.89
CA ASN A 155 -10.61 -8.25 -19.46
C ASN A 155 -11.45 -7.26 -20.24
N HIS A 156 -11.00 -6.88 -21.44
CA HIS A 156 -11.72 -5.84 -22.18
C HIS A 156 -13.19 -6.15 -22.41
N HIS A 157 -13.47 -7.38 -22.81
CA HIS A 157 -14.84 -7.81 -23.03
C HIS A 157 -15.73 -7.70 -21.75
N SER A 158 -15.13 -7.58 -20.57
CA SER A 158 -15.94 -7.40 -19.34
C SER A 158 -15.79 -6.04 -18.62
N ALA A 159 -14.63 -5.41 -18.75
CA ALA A 159 -14.36 -4.15 -18.02
C ALA A 159 -14.16 -2.93 -18.92
N GLY A 160 -14.15 -3.15 -20.23
CA GLY A 160 -13.84 -2.09 -21.18
C GLY A 160 -12.36 -1.77 -21.09
N SER A 161 -11.98 -0.58 -21.55
CA SER A 161 -10.58 -0.18 -21.50
C SER A 161 -10.36 0.80 -20.35
N PHE A 162 -9.15 1.34 -20.27
CA PHE A 162 -8.73 2.14 -19.13
C PHE A 162 -9.59 3.37 -18.90
N GLY A 163 -10.00 4.05 -19.96
CA GLY A 163 -10.74 5.29 -19.78
C GLY A 163 -12.11 5.11 -19.16
N ASN A 164 -12.67 3.91 -19.27
CA ASN A 164 -13.97 3.63 -18.67
C ASN A 164 -13.96 3.76 -17.15
N HIS A 165 -12.77 3.80 -16.55
CA HIS A 165 -12.61 3.74 -15.10
C HIS A 165 -12.07 5.06 -14.55
N VAL A 166 -11.77 6.00 -15.44
CA VAL A 166 -11.34 7.31 -14.99
C VAL A 166 -12.57 8.11 -14.55
N ARG A 167 -12.57 8.55 -13.29
CA ARG A 167 -13.70 9.31 -12.74
C ARG A 167 -13.48 10.83 -12.79
N SER A 168 -12.24 11.25 -12.98
CA SER A 168 -11.90 12.66 -13.04
C SER A 168 -10.45 12.76 -13.47
N MET A 169 -10.07 13.88 -14.09
CA MET A 169 -8.65 14.16 -14.30
C MET A 169 -8.38 15.66 -14.39
N ASP A 170 -7.12 16.01 -14.17
CA ASP A 170 -6.68 17.38 -14.11
C ASP A 170 -5.79 17.57 -15.31
N LEU A 171 -6.30 18.30 -16.30
CA LEU A 171 -5.59 18.50 -17.57
C LEU A 171 -5.01 19.91 -17.67
N LEU A 172 -3.69 20.00 -17.71
CA LEU A 172 -3.00 21.26 -17.96
C LEU A 172 -3.16 21.62 -19.43
N THR A 173 -4.01 22.59 -19.72
CA THR A 173 -4.27 22.93 -21.12
C THR A 173 -3.27 23.92 -21.70
N ALA A 174 -3.38 24.16 -23.00
CA ALA A 174 -2.44 25.05 -23.71
C ALA A 174 -2.42 26.48 -23.20
N ASP A 175 -3.56 26.94 -22.69
CA ASP A 175 -3.68 28.29 -22.17
C ASP A 175 -3.08 28.49 -20.77
N GLY A 176 -2.50 27.43 -20.19
CA GLY A 176 -1.87 27.53 -18.88
C GLY A 176 -2.77 27.13 -17.73
N GLU A 177 -4.08 27.23 -17.92
CA GLU A 177 -5.02 26.84 -16.89
C GLU A 177 -5.08 25.31 -16.71
N ILE A 178 -5.56 24.87 -15.55
CA ILE A 178 -5.70 23.44 -15.26
C ILE A 178 -7.18 23.09 -15.14
N ARG A 179 -7.67 22.33 -16.11
CA ARG A 179 -9.08 21.98 -16.14
C ARG A 179 -9.38 20.67 -15.40
N HIS A 180 -10.51 20.64 -14.70
CA HIS A 180 -10.99 19.45 -14.03
C HIS A 180 -12.04 18.79 -14.90
N LEU A 181 -11.72 17.60 -15.42
CA LEU A 181 -12.62 16.93 -16.33
C LEU A 181 -13.26 15.74 -15.66
N THR A 182 -14.50 15.45 -16.03
CA THR A 182 -15.21 14.26 -15.59
C THR A 182 -15.96 13.67 -16.79
N PRO A 183 -16.26 12.36 -16.76
CA PRO A 183 -16.86 11.74 -17.94
C PRO A 183 -18.29 12.19 -18.22
N THR A 184 -18.98 12.72 -17.22
CA THR A 184 -20.35 13.19 -17.41
C THR A 184 -20.48 14.69 -17.11
N GLY A 185 -21.69 15.22 -17.27
CA GLY A 185 -21.87 16.66 -17.14
C GLY A 185 -21.05 17.44 -18.17
N GLU A 186 -20.98 18.77 -18.00
CA GLU A 186 -20.23 19.61 -18.91
C GLU A 186 -18.76 19.20 -18.89
N ASP A 187 -18.04 19.55 -19.95
CA ASP A 187 -16.64 19.14 -20.17
C ASP A 187 -16.40 17.66 -20.47
N ALA A 188 -17.46 16.87 -20.59
CA ALA A 188 -17.36 15.48 -21.03
C ALA A 188 -16.66 15.35 -22.38
N GLU A 189 -16.88 16.31 -23.27
CA GLU A 189 -16.32 16.23 -24.60
C GLU A 189 -14.81 16.28 -24.57
N LEU A 190 -14.27 17.16 -23.74
CA LEU A 190 -12.83 17.30 -23.66
C LEU A 190 -12.26 16.10 -22.87
N PHE A 191 -13.04 15.58 -21.94
CA PHE A 191 -12.63 14.42 -21.16
C PHE A 191 -12.43 13.27 -22.14
N TRP A 192 -13.46 13.02 -22.94
CA TRP A 192 -13.46 11.87 -23.82
C TRP A 192 -12.58 12.03 -25.07
N ALA A 193 -12.01 13.22 -25.25
CA ALA A 193 -11.07 13.47 -26.34
C ALA A 193 -9.66 13.29 -25.82
N THR A 194 -9.51 13.45 -24.51
CA THR A 194 -8.22 13.28 -23.85
C THR A 194 -7.96 11.79 -23.66
N VAL A 195 -9.03 11.04 -23.37
CA VAL A 195 -8.97 9.59 -23.32
C VAL A 195 -8.62 9.14 -24.73
N GLY A 196 -7.47 8.49 -24.90
CA GLY A 196 -7.05 8.03 -26.20
C GLY A 196 -6.61 9.17 -27.12
N GLY A 197 -6.36 10.34 -26.53
CA GLY A 197 -5.94 11.50 -27.28
C GLY A 197 -4.45 11.59 -27.54
N ASN A 198 -3.71 10.57 -27.12
CA ASN A 198 -2.26 10.54 -27.27
C ASN A 198 -1.56 11.82 -26.79
N GLY A 199 -2.07 12.39 -25.70
CA GLY A 199 -1.48 13.57 -25.10
C GLY A 199 -1.61 14.88 -25.86
N LEU A 200 -2.56 14.92 -26.79
CA LEU A 200 -2.68 16.06 -27.72
C LEU A 200 -3.78 17.04 -27.34
N THR A 201 -4.37 16.88 -26.17
CA THR A 201 -5.27 17.89 -25.63
C THR A 201 -4.60 18.62 -24.47
N GLY A 202 -3.34 18.26 -24.21
CA GLY A 202 -2.64 18.81 -23.06
C GLY A 202 -2.08 17.76 -22.11
N ILE A 203 -1.53 18.21 -20.98
CA ILE A 203 -0.85 17.32 -20.05
C ILE A 203 -1.74 16.89 -18.92
N ILE A 204 -1.86 15.57 -18.73
CA ILE A 204 -2.62 15.04 -17.61
C ILE A 204 -1.73 15.10 -16.37
N MET A 205 -2.18 15.81 -15.32
CA MET A 205 -1.34 16.02 -14.14
C MET A 205 -1.68 15.02 -13.05
N ARG A 206 -2.96 14.68 -12.97
CA ARG A 206 -3.50 13.98 -11.82
C ARG A 206 -4.83 13.38 -12.23
N ALA A 207 -5.22 12.27 -11.60
CA ALA A 207 -6.47 11.63 -11.97
C ALA A 207 -7.02 10.83 -10.83
N THR A 208 -8.32 10.56 -10.91
CA THR A 208 -8.98 9.68 -9.96
C THR A 208 -9.52 8.47 -10.69
N ILE A 209 -9.12 7.29 -10.23
CA ILE A 209 -9.52 6.03 -10.84
C ILE A 209 -10.44 5.29 -9.88
N GLU A 210 -11.52 4.72 -10.42
CA GLU A 210 -12.30 3.77 -9.65
C GLU A 210 -11.77 2.34 -9.81
N MET A 211 -11.31 1.78 -8.68
CA MET A 211 -10.67 0.47 -8.68
C MET A 211 -11.69 -0.65 -8.66
N THR A 212 -11.23 -1.87 -8.93
CA THR A 212 -12.07 -3.06 -8.87
C THR A 212 -11.85 -3.79 -7.54
N PRO A 213 -12.93 -4.02 -6.77
CA PRO A 213 -12.75 -4.68 -5.47
C PRO A 213 -12.35 -6.14 -5.64
N THR A 214 -11.47 -6.62 -4.76
CA THR A 214 -11.02 -8.01 -4.78
C THR A 214 -10.68 -8.50 -3.38
N SER A 215 -10.97 -9.77 -3.11
CA SER A 215 -10.59 -10.38 -1.85
C SER A 215 -9.25 -11.09 -1.91
N THR A 216 -8.73 -11.29 -3.13
CA THR A 216 -7.39 -11.90 -3.33
C THR A 216 -6.60 -11.29 -4.50
N ALA A 217 -5.33 -11.66 -4.59
CA ALA A 217 -4.46 -11.25 -5.65
C ALA A 217 -4.22 -12.42 -6.62
N TYR A 218 -5.25 -13.26 -6.76
CA TYR A 218 -5.10 -14.52 -7.49
C TYR A 218 -6.22 -14.74 -8.48
N PHE A 219 -5.89 -15.48 -9.53
CA PHE A 219 -6.87 -15.90 -10.52
C PHE A 219 -7.20 -17.38 -10.38
N ILE A 220 -8.44 -17.75 -10.70
CA ILE A 220 -8.77 -19.14 -11.00
C ILE A 220 -9.01 -19.26 -12.51
N ALA A 221 -8.19 -20.10 -13.15
CA ALA A 221 -8.12 -20.16 -14.61
C ALA A 221 -8.53 -21.50 -15.21
N ASP A 222 -9.33 -21.45 -16.28
CA ASP A 222 -9.63 -22.61 -17.10
C ASP A 222 -8.83 -22.52 -18.41
N GLY A 223 -8.06 -23.57 -18.71
CA GLY A 223 -7.26 -23.60 -19.92
C GLY A 223 -7.90 -24.47 -20.99
N ASP A 224 -7.85 -23.99 -22.23
CA ASP A 224 -8.40 -24.77 -23.34
C ASP A 224 -7.48 -24.75 -24.53
N VAL A 225 -7.55 -25.80 -25.35
CA VAL A 225 -6.74 -25.86 -26.56
C VAL A 225 -7.61 -26.17 -27.79
N THR A 226 -7.26 -25.54 -28.91
CA THR A 226 -8.01 -25.73 -30.16
C THR A 226 -7.06 -26.26 -31.22
N ALA A 227 -7.62 -26.85 -32.28
CA ALA A 227 -6.79 -27.41 -33.34
C ALA A 227 -6.90 -26.62 -34.64
N SER A 228 -7.85 -25.69 -34.69
CA SER A 228 -8.08 -24.93 -35.92
C SER A 228 -8.65 -23.55 -35.64
N LEU A 229 -8.43 -22.64 -36.58
CA LEU A 229 -8.96 -21.30 -36.48
C LEU A 229 -10.49 -21.37 -36.37
N ASP A 230 -11.08 -22.38 -36.99
CA ASP A 230 -12.53 -22.51 -36.95
C ASP A 230 -13.04 -22.80 -35.54
N GLU A 231 -12.37 -23.69 -34.81
CA GLU A 231 -12.84 -24.02 -33.47
C GLU A 231 -12.47 -22.94 -32.43
N THR A 232 -11.40 -22.19 -32.72
CA THR A 232 -11.04 -21.01 -31.95
C THR A 232 -12.18 -19.97 -31.99
N ILE A 233 -12.65 -19.65 -33.18
CA ILE A 233 -13.77 -18.73 -33.30
C ILE A 233 -15.03 -19.27 -32.63
N ALA A 234 -15.30 -20.55 -32.80
CA ALA A 234 -16.48 -21.18 -32.23
C ALA A 234 -16.46 -21.10 -30.72
N LEU A 235 -15.29 -21.34 -30.14
CA LEU A 235 -15.08 -21.25 -28.69
C LEU A 235 -15.39 -19.84 -28.18
N HIS A 236 -15.10 -18.84 -29.00
CA HIS A 236 -15.35 -17.46 -28.63
C HIS A 236 -16.74 -16.98 -29.03
N SER A 237 -17.50 -17.85 -29.68
CA SER A 237 -18.85 -17.50 -30.13
C SER A 237 -19.95 -18.29 -29.42
N ASP A 238 -19.57 -19.34 -28.69
CA ASP A 238 -20.54 -20.23 -28.06
C ASP A 238 -21.15 -19.65 -26.79
N GLY A 239 -20.71 -18.45 -26.43
CA GLY A 239 -21.23 -17.76 -25.27
C GLY A 239 -20.51 -18.11 -23.98
N SER A 240 -19.52 -19.00 -24.06
CA SER A 240 -18.77 -19.41 -22.88
C SER A 240 -17.99 -18.22 -22.35
N GLU A 241 -17.73 -17.27 -23.24
CA GLU A 241 -16.98 -16.08 -22.91
C GLU A 241 -17.65 -15.26 -21.79
N ALA A 242 -18.97 -15.36 -21.68
CA ALA A 242 -19.69 -14.64 -20.64
C ALA A 242 -19.43 -15.18 -19.23
N ARG A 243 -18.73 -16.31 -19.14
CA ARG A 243 -18.40 -16.91 -17.84
C ARG A 243 -17.05 -16.50 -17.27
N TYR A 244 -16.28 -15.75 -18.06
CA TYR A 244 -14.99 -15.30 -17.57
C TYR A 244 -14.89 -13.80 -17.71
N THR A 245 -14.20 -13.16 -16.77
CA THR A 245 -13.95 -11.74 -16.87
C THR A 245 -12.65 -11.48 -17.59
N TYR A 246 -11.77 -12.47 -17.61
CA TYR A 246 -10.45 -12.36 -18.23
C TYR A 246 -10.29 -13.45 -19.29
N SER A 247 -10.01 -13.06 -20.54
CA SER A 247 -9.77 -14.06 -21.59
C SER A 247 -8.80 -13.57 -22.65
N SER A 248 -7.87 -14.45 -23.02
CA SER A 248 -6.94 -14.22 -24.13
C SER A 248 -6.43 -15.57 -24.68
N ALA A 249 -5.57 -15.53 -25.69
CA ALA A 249 -5.12 -16.79 -26.30
C ALA A 249 -3.77 -16.69 -27.00
N TRP A 250 -2.93 -17.70 -26.83
CA TRP A 250 -1.77 -17.84 -27.70
C TRP A 250 -2.27 -18.43 -29.01
N PHE A 251 -1.65 -18.03 -30.10
CA PHE A 251 -2.33 -18.24 -31.38
C PHE A 251 -1.36 -18.58 -32.51
N ASP A 252 -1.63 -19.68 -33.22
CA ASP A 252 -0.76 -20.16 -34.30
C ASP A 252 -0.94 -19.36 -35.59
N ALA A 253 0.11 -18.63 -35.97
CA ALA A 253 0.08 -17.83 -37.19
C ALA A 253 1.07 -18.33 -38.25
N ILE A 254 1.47 -19.60 -38.15
CA ILE A 254 2.53 -20.13 -39.01
C ILE A 254 2.12 -21.39 -39.78
N SER A 255 1.62 -22.40 -39.06
CA SER A 255 1.10 -23.61 -39.67
C SER A 255 0.08 -23.33 -40.76
N ALA A 256 0.10 -24.11 -41.82
CA ALA A 256 -0.88 -23.99 -42.90
C ALA A 256 -2.22 -24.48 -42.38
N PRO A 257 -3.32 -24.11 -43.07
CA PRO A 257 -4.64 -24.63 -42.69
C PRO A 257 -4.70 -26.16 -42.80
N PRO A 258 -5.58 -26.81 -42.02
CA PRO A 258 -6.51 -26.16 -41.08
C PRO A 258 -5.90 -26.03 -39.68
N LYS A 259 -4.62 -26.37 -39.54
CA LYS A 259 -3.87 -26.16 -38.30
C LYS A 259 -3.82 -24.68 -37.96
N LEU A 260 -3.71 -23.84 -38.98
CA LEU A 260 -3.58 -22.40 -38.80
C LEU A 260 -4.66 -21.81 -37.90
N GLY A 261 -4.23 -21.06 -36.89
CA GLY A 261 -5.17 -20.39 -36.01
C GLY A 261 -5.68 -21.26 -34.87
N ARG A 262 -5.02 -22.39 -34.63
CA ARG A 262 -5.28 -23.12 -33.42
C ARG A 262 -4.71 -22.25 -32.30
N ALA A 263 -5.22 -22.44 -31.08
CA ALA A 263 -4.90 -21.54 -29.99
C ALA A 263 -4.86 -22.20 -28.62
N ALA A 264 -3.96 -21.74 -27.74
CA ALA A 264 -4.01 -22.08 -26.31
C ALA A 264 -4.77 -21.00 -25.55
N VAL A 265 -6.03 -21.29 -25.23
CA VAL A 265 -6.90 -20.33 -24.58
C VAL A 265 -6.77 -20.34 -23.05
N SER A 266 -6.56 -19.17 -22.47
CA SER A 266 -6.43 -19.02 -21.03
C SER A 266 -7.47 -18.01 -20.53
N ARG A 267 -8.49 -18.52 -19.84
CA ARG A 267 -9.59 -17.70 -19.34
C ARG A 267 -9.78 -17.86 -17.84
N GLY A 268 -10.20 -16.81 -17.16
CA GLY A 268 -10.30 -16.87 -15.73
C GLY A 268 -11.01 -15.70 -15.08
N ARG A 269 -10.84 -15.59 -13.78
CA ARG A 269 -11.45 -14.53 -12.99
C ARG A 269 -10.69 -14.45 -11.67
N LEU A 270 -10.90 -13.36 -10.94
CA LEU A 270 -10.22 -13.20 -9.66
C LEU A 270 -10.78 -14.21 -8.67
N ALA A 271 -9.87 -14.88 -7.96
CA ALA A 271 -10.29 -15.81 -6.91
C ALA A 271 -10.81 -15.09 -5.66
N THR A 272 -11.90 -15.61 -5.10
CA THR A 272 -12.33 -15.28 -3.73
C THR A 272 -11.38 -15.96 -2.75
N VAL A 273 -11.47 -15.62 -1.47
CA VAL A 273 -10.60 -16.25 -0.46
C VAL A 273 -10.94 -17.72 -0.25
N GLU A 274 -12.24 -18.02 -0.28
CA GLU A 274 -12.72 -19.38 -0.12
C GLU A 274 -12.06 -20.40 -1.10
N GLN A 275 -11.58 -19.90 -2.23
CA GLN A 275 -11.03 -20.76 -3.29
C GLN A 275 -9.52 -20.90 -3.24
N LEU A 276 -8.89 -20.21 -2.30
CA LEU A 276 -7.44 -20.32 -2.17
C LEU A 276 -7.10 -21.61 -1.42
N PRO A 277 -5.97 -22.23 -1.78
CA PRO A 277 -5.42 -23.30 -0.94
C PRO A 277 -5.11 -22.77 0.45
N ALA A 278 -5.26 -23.60 1.48
CA ALA A 278 -5.09 -23.18 2.87
C ALA A 278 -3.80 -22.40 3.15
N LYS A 279 -2.68 -22.89 2.60
CA LYS A 279 -1.40 -22.20 2.73
C LYS A 279 -1.49 -20.71 2.38
N LEU A 280 -2.22 -20.40 1.31
CA LEU A 280 -2.36 -19.02 0.83
C LEU A 280 -3.51 -18.24 1.48
N ARG A 281 -4.54 -18.94 1.93
CA ARG A 281 -5.72 -18.28 2.50
C ARG A 281 -5.40 -17.40 3.72
N SER A 282 -4.15 -17.43 4.18
CA SER A 282 -3.72 -16.57 5.28
C SER A 282 -3.28 -15.19 4.74
N GLU A 283 -2.75 -15.18 3.52
CA GLU A 283 -2.28 -13.94 2.93
C GLU A 283 -2.81 -13.81 1.51
N PRO A 284 -4.13 -13.60 1.38
CA PRO A 284 -4.79 -13.68 0.07
C PRO A 284 -4.40 -12.54 -0.86
N LEU A 285 -3.95 -11.42 -0.30
CA LEU A 285 -3.65 -10.23 -1.08
C LEU A 285 -2.15 -10.05 -1.26
N LYS A 286 -1.41 -11.14 -1.11
CA LYS A 286 0.05 -11.12 -1.29
C LYS A 286 0.45 -11.08 -2.76
N PHE A 287 1.77 -11.12 -2.99
CA PHE A 287 2.38 -11.32 -4.31
C PHE A 287 3.90 -11.15 -4.23
N ASP A 288 4.62 -11.99 -4.99
CA ASP A 288 6.08 -11.93 -5.11
C ASP A 288 6.55 -12.99 -6.10
N ALA A 304 13.32 -26.75 -26.46
CA ALA A 304 13.17 -27.37 -27.78
C ALA A 304 13.99 -28.66 -27.88
N ASN A 305 13.30 -29.80 -27.83
CA ASN A 305 13.96 -31.11 -27.92
C ASN A 305 13.48 -31.99 -29.07
N LYS A 306 13.87 -33.26 -29.04
CA LYS A 306 13.55 -34.20 -30.12
C LYS A 306 12.06 -34.45 -30.21
N TYR A 307 11.42 -34.50 -29.04
CA TYR A 307 9.98 -34.76 -28.97
C TYR A 307 9.17 -33.53 -29.34
N THR A 308 9.74 -32.35 -29.11
CA THR A 308 9.02 -31.07 -29.16
C THR A 308 8.09 -30.91 -30.37
N PHE A 309 8.51 -31.47 -31.49
CA PHE A 309 7.76 -31.31 -32.72
C PHE A 309 7.17 -32.65 -33.18
N GLY A 310 7.35 -33.68 -32.38
CA GLY A 310 6.72 -34.96 -32.65
C GLY A 310 5.31 -35.10 -32.10
N PRO A 311 4.69 -36.26 -32.36
CA PRO A 311 3.34 -36.50 -31.82
C PRO A 311 3.29 -36.50 -30.28
N ILE A 312 4.40 -36.84 -29.63
CA ILE A 312 4.45 -36.81 -28.15
C ILE A 312 4.31 -35.39 -27.60
N GLY A 313 5.03 -34.43 -28.18
CA GLY A 313 4.92 -33.07 -27.65
C GLY A 313 3.62 -32.40 -28.07
N GLU A 314 3.04 -32.88 -29.15
CA GLU A 314 1.71 -32.45 -29.53
C GLU A 314 0.77 -32.89 -28.40
N LEU A 315 1.01 -34.10 -27.88
CA LEU A 315 0.26 -34.63 -26.75
C LEU A 315 0.53 -33.85 -25.46
N TRP A 316 1.81 -33.52 -25.23
CA TRP A 316 2.23 -32.71 -24.11
C TRP A 316 1.60 -31.32 -24.13
N TYR A 317 1.72 -30.63 -25.26
CA TYR A 317 1.16 -29.27 -25.42
C TYR A 317 -0.36 -29.25 -25.21
N ARG A 318 -1.07 -30.20 -25.79
CA ARG A 318 -2.52 -30.27 -25.55
C ARG A 318 -2.86 -30.62 -24.09
N LYS A 319 -2.08 -31.48 -23.46
CA LYS A 319 -2.42 -31.90 -22.10
C LYS A 319 -2.13 -30.80 -21.10
N SER A 320 -1.01 -30.10 -21.29
CA SER A 320 -0.59 -29.05 -20.37
C SER A 320 -1.36 -27.75 -20.60
N GLY A 321 -1.96 -27.61 -21.77
CA GLY A 321 -2.73 -26.42 -22.09
C GLY A 321 -4.18 -26.57 -21.69
N THR A 322 -4.54 -27.74 -21.20
CA THR A 322 -5.91 -28.05 -20.81
C THR A 322 -6.05 -28.26 -19.30
N TYR A 323 -6.84 -27.42 -18.64
CA TYR A 323 -7.05 -27.49 -17.20
C TYR A 323 -8.32 -26.79 -16.77
N ARG A 324 -8.66 -26.95 -15.49
CA ARG A 324 -9.80 -26.29 -14.87
C ARG A 324 -9.44 -25.84 -13.47
N GLY A 325 -10.05 -24.75 -13.01
CA GLY A 325 -9.86 -24.23 -11.66
C GLY A 325 -8.43 -24.09 -11.15
N LYS A 326 -7.48 -23.89 -12.05
CA LYS A 326 -6.07 -23.72 -11.66
C LYS A 326 -5.90 -22.34 -11.04
N VAL A 327 -5.47 -22.32 -9.79
CA VAL A 327 -5.23 -21.06 -9.11
C VAL A 327 -3.83 -20.59 -9.44
N GLN A 328 -3.74 -19.37 -9.94
CA GLN A 328 -2.44 -18.79 -10.26
C GLN A 328 -2.38 -17.36 -9.77
N ASN A 329 -1.18 -16.91 -9.42
CA ASN A 329 -1.02 -15.53 -9.03
C ASN A 329 -1.09 -14.67 -10.29
N LEU A 330 -0.68 -13.42 -10.15
CA LEU A 330 -0.75 -12.51 -11.28
C LEU A 330 0.25 -12.95 -12.32
N THR A 331 1.51 -13.04 -11.92
CA THR A 331 2.59 -13.28 -12.87
C THR A 331 2.46 -14.59 -13.67
N GLN A 332 1.86 -15.62 -13.07
CA GLN A 332 1.58 -16.87 -13.78
C GLN A 332 0.45 -16.71 -14.78
N PHE A 333 -0.58 -15.96 -14.40
CA PHE A 333 -1.76 -15.79 -15.24
C PHE A 333 -1.51 -14.77 -16.35
N TYR A 334 -0.60 -13.83 -16.08
CA TYR A 334 -0.24 -12.77 -17.02
C TYR A 334 1.10 -13.01 -17.68
N GLY A 351 14.70 -5.98 -33.17
CA GLY A 351 14.51 -6.01 -34.61
C GLY A 351 13.21 -6.69 -35.02
N PHE A 352 12.10 -6.21 -34.46
CA PHE A 352 10.78 -6.74 -34.76
C PHE A 352 9.80 -5.62 -35.02
N LEU A 353 8.75 -5.91 -35.78
CA LEU A 353 7.70 -4.93 -36.05
C LEU A 353 6.40 -5.39 -35.43
N GLN A 354 6.00 -4.71 -34.36
CA GLN A 354 4.81 -5.04 -33.60
C GLN A 354 3.62 -4.54 -34.38
N TYR A 355 2.66 -5.43 -34.62
CA TYR A 355 1.50 -5.07 -35.41
C TYR A 355 0.24 -5.62 -34.77
N GLN A 356 -0.72 -4.74 -34.51
CA GLN A 356 -1.96 -5.12 -33.84
C GLN A 356 -3.18 -4.48 -34.50
N PHE A 357 -4.26 -5.23 -34.66
CA PHE A 357 -5.46 -4.69 -35.30
C PHE A 357 -6.67 -5.40 -34.77
N VAL A 358 -7.84 -4.80 -34.94
CA VAL A 358 -9.11 -5.42 -34.59
C VAL A 358 -10.05 -5.35 -35.79
N ILE A 359 -10.85 -6.40 -35.98
CA ILE A 359 -11.82 -6.50 -37.07
C ILE A 359 -13.22 -6.62 -36.42
N PRO A 360 -14.21 -5.84 -36.90
CA PRO A 360 -15.53 -5.88 -36.26
C PRO A 360 -16.04 -7.31 -36.13
N THR A 361 -16.79 -7.61 -35.06
CA THR A 361 -17.26 -8.97 -34.78
C THR A 361 -17.92 -9.67 -35.97
N GLU A 362 -18.89 -9.00 -36.60
CA GLU A 362 -19.62 -9.59 -37.72
C GLU A 362 -18.76 -9.99 -38.95
N ALA A 363 -17.68 -9.26 -39.23
CA ALA A 363 -16.81 -9.59 -40.36
C ALA A 363 -15.87 -10.75 -40.04
N VAL A 364 -16.42 -11.86 -39.56
CA VAL A 364 -15.60 -12.99 -39.15
C VAL A 364 -14.88 -13.68 -40.32
N ASP A 365 -15.57 -13.80 -41.46
CA ASP A 365 -14.94 -14.41 -42.63
C ASP A 365 -13.73 -13.60 -43.12
N GLU A 366 -13.88 -12.28 -43.07
CA GLU A 366 -12.79 -11.38 -43.43
C GLU A 366 -11.62 -11.49 -42.46
N PHE A 367 -11.93 -11.73 -41.19
CA PHE A 367 -10.89 -11.95 -40.19
C PHE A 367 -10.09 -13.21 -40.53
N LYS A 368 -10.80 -14.28 -40.88
CA LYS A 368 -10.17 -15.53 -41.25
C LYS A 368 -9.29 -15.35 -42.49
N LYS A 369 -9.75 -14.52 -43.42
CA LYS A 369 -8.97 -14.25 -44.62
C LYS A 369 -7.68 -13.49 -44.31
N ILE A 370 -7.75 -12.51 -43.42
CA ILE A 370 -6.53 -11.79 -43.03
C ILE A 370 -5.46 -12.71 -42.40
N ILE A 371 -5.89 -13.62 -41.52
CA ILE A 371 -5.01 -14.65 -40.98
C ILE A 371 -4.37 -15.52 -42.08
N GLY A 372 -5.17 -15.93 -43.05
CA GLY A 372 -4.66 -16.67 -44.20
C GLY A 372 -3.57 -15.92 -44.96
N VAL A 373 -3.81 -14.64 -45.22
CA VAL A 373 -2.84 -13.78 -45.88
C VAL A 373 -1.54 -13.72 -45.10
N ILE A 374 -1.67 -13.68 -43.78
CA ILE A 374 -0.51 -13.56 -42.92
C ILE A 374 0.39 -14.80 -42.98
N GLN A 375 -0.16 -15.99 -42.81
CA GLN A 375 0.74 -17.15 -42.75
C GLN A 375 1.34 -17.49 -44.12
N ALA A 376 0.60 -17.18 -45.17
CA ALA A 376 1.08 -17.38 -46.56
C ALA A 376 1.97 -16.25 -47.05
N SER A 377 2.34 -15.34 -46.15
CA SER A 377 3.12 -14.19 -46.55
C SER A 377 4.62 -14.40 -46.49
N GLY A 378 5.06 -15.52 -45.91
CA GLY A 378 6.47 -15.76 -45.68
C GLY A 378 6.97 -15.19 -44.36
N HIS A 379 6.34 -14.09 -43.92
CA HIS A 379 6.70 -13.45 -42.66
C HIS A 379 6.13 -14.25 -41.50
N TYR A 380 7.01 -14.76 -40.65
CA TYR A 380 6.60 -15.68 -39.58
C TYR A 380 6.55 -15.01 -38.21
N SER A 381 5.50 -15.32 -37.44
CA SER A 381 5.31 -14.71 -36.14
C SER A 381 5.02 -15.76 -35.07
N PHE A 382 5.83 -15.77 -34.02
CA PHE A 382 5.72 -16.78 -32.95
C PHE A 382 4.83 -16.31 -31.80
N LEU A 383 5.04 -15.08 -31.35
CA LEU A 383 4.24 -14.49 -30.28
C LEU A 383 2.98 -13.82 -30.81
N ASN A 384 1.87 -14.53 -30.79
CA ASN A 384 0.61 -13.98 -31.26
C ASN A 384 -0.51 -14.08 -30.24
N VAL A 385 -1.03 -12.94 -29.82
CA VAL A 385 -2.13 -12.94 -28.88
C VAL A 385 -3.43 -12.59 -29.58
N PHE A 386 -4.45 -13.38 -29.32
CA PHE A 386 -5.77 -13.19 -29.89
C PHE A 386 -6.76 -12.98 -28.74
N LYS A 387 -7.76 -12.14 -28.96
CA LYS A 387 -8.82 -11.91 -28.00
C LYS A 387 -10.04 -11.34 -28.72
N LEU A 388 -11.21 -11.60 -28.16
CA LEU A 388 -12.43 -10.94 -28.58
C LEU A 388 -12.72 -9.70 -27.72
N PHE A 389 -12.56 -8.51 -28.28
CA PHE A 389 -12.92 -7.28 -27.56
C PHE A 389 -14.43 -7.22 -27.33
N GLY A 390 -14.86 -6.47 -26.31
CA GLY A 390 -16.26 -6.22 -26.08
C GLY A 390 -16.63 -4.82 -26.51
N PRO A 391 -17.75 -4.29 -26.01
CA PRO A 391 -18.28 -2.97 -26.38
C PRO A 391 -17.24 -1.86 -26.26
N ARG A 392 -17.36 -0.83 -27.08
CA ARG A 392 -16.44 0.31 -27.05
C ARG A 392 -16.91 1.42 -26.10
N ASN A 393 -16.15 2.51 -26.04
CA ASN A 393 -16.52 3.65 -25.21
C ASN A 393 -16.69 4.94 -26.05
N GLN A 394 -16.99 6.05 -25.38
CA GLN A 394 -17.34 7.30 -26.06
C GLN A 394 -16.15 8.04 -26.66
N ALA A 395 -14.93 7.55 -26.47
CA ALA A 395 -13.74 8.30 -26.92
C ALA A 395 -13.56 8.15 -28.43
N PRO A 396 -13.56 9.27 -29.15
CA PRO A 396 -13.48 9.24 -30.61
C PRO A 396 -12.25 8.47 -31.12
N LEU A 397 -11.12 8.58 -30.44
CA LEU A 397 -9.91 7.88 -30.88
C LEU A 397 -9.56 6.59 -30.12
N SER A 398 -10.49 6.11 -29.28
CA SER A 398 -10.29 4.86 -28.56
C SER A 398 -10.11 3.75 -29.58
N PHE A 399 -9.04 2.96 -29.46
CA PHE A 399 -8.78 1.86 -30.40
C PHE A 399 -9.77 0.69 -30.36
N PRO A 400 -10.14 0.17 -29.15
CA PRO A 400 -11.01 -1.01 -29.10
C PRO A 400 -12.43 -0.84 -29.63
N ILE A 401 -12.86 -1.82 -30.42
CA ILE A 401 -14.25 -1.98 -30.81
C ILE A 401 -14.59 -3.46 -30.66
N PRO A 402 -15.88 -3.80 -30.50
CA PRO A 402 -16.18 -5.24 -30.37
C PRO A 402 -15.71 -6.01 -31.61
N GLY A 403 -14.96 -7.08 -31.40
CA GLY A 403 -14.46 -7.85 -32.52
C GLY A 403 -13.16 -8.56 -32.26
N TRP A 404 -12.57 -9.04 -33.34
CA TRP A 404 -11.42 -9.92 -33.29
C TRP A 404 -10.14 -9.14 -33.24
N ASN A 405 -9.46 -9.19 -32.10
CA ASN A 405 -8.20 -8.49 -31.95
C ASN A 405 -7.05 -9.46 -32.05
N ILE A 406 -5.93 -9.00 -32.58
CA ILE A 406 -4.76 -9.87 -32.73
C ILE A 406 -3.49 -9.04 -32.75
N CYS A 407 -2.46 -9.53 -32.07
CA CYS A 407 -1.16 -8.87 -31.99
C CYS A 407 -0.16 -9.82 -32.57
N VAL A 408 0.58 -9.36 -33.58
CA VAL A 408 1.62 -10.19 -34.18
C VAL A 408 2.95 -9.48 -34.09
N ASP A 409 4.02 -10.26 -34.11
CA ASP A 409 5.38 -9.72 -34.03
C ASP A 409 6.19 -10.18 -35.24
N PHE A 410 6.60 -9.24 -36.08
CA PHE A 410 7.26 -9.58 -37.35
C PHE A 410 8.76 -9.33 -37.33
N PRO A 411 9.55 -10.36 -37.63
CA PRO A 411 10.99 -10.18 -37.76
C PRO A 411 11.25 -9.19 -38.88
N ILE A 412 11.99 -8.13 -38.59
CA ILE A 412 12.29 -7.16 -39.61
C ILE A 412 13.13 -7.83 -40.71
N LYS A 413 12.57 -7.94 -41.92
CA LYS A 413 13.29 -8.44 -43.09
C LYS A 413 12.71 -7.84 -44.38
N ASP A 414 13.47 -7.92 -45.48
CA ASP A 414 13.07 -7.35 -46.78
C ASP A 414 11.61 -7.61 -47.19
N GLY A 415 10.94 -6.58 -47.68
CA GLY A 415 9.57 -6.71 -48.12
C GLY A 415 8.50 -6.56 -47.05
N LEU A 416 8.92 -6.50 -45.79
CA LEU A 416 8.00 -6.43 -44.65
C LEU A 416 7.15 -5.16 -44.67
N GLY A 417 7.82 -4.02 -44.84
CA GLY A 417 7.13 -2.75 -44.93
C GLY A 417 6.05 -2.66 -46.00
N LYS A 418 6.34 -3.18 -47.19
CA LYS A 418 5.34 -3.19 -48.25
C LYS A 418 4.23 -4.15 -47.90
N PHE A 419 4.59 -5.27 -47.27
CA PHE A 419 3.59 -6.27 -46.91
C PHE A 419 2.62 -5.77 -45.85
N VAL A 420 3.12 -5.05 -44.84
CA VAL A 420 2.24 -4.56 -43.79
C VAL A 420 1.35 -3.45 -44.34
N SER A 421 1.85 -2.75 -45.36
CA SER A 421 1.03 -1.73 -46.02
C SER A 421 -0.17 -2.39 -46.69
N GLU A 422 0.03 -3.60 -47.19
CA GLU A 422 -1.06 -4.38 -47.76
C GLU A 422 -2.04 -4.76 -46.64
N LEU A 423 -1.49 -5.23 -45.52
CA LEU A 423 -2.27 -5.61 -44.35
C LEU A 423 -3.16 -4.46 -43.89
N ASP A 424 -2.55 -3.28 -43.74
CA ASP A 424 -3.29 -2.05 -43.46
C ASP A 424 -4.48 -1.90 -44.38
N ARG A 425 -4.28 -2.19 -45.65
CA ARG A 425 -5.30 -1.98 -46.66
C ARG A 425 -6.46 -2.92 -46.41
N ARG A 426 -6.19 -4.19 -46.13
CA ARG A 426 -7.27 -5.12 -45.83
C ARG A 426 -7.98 -4.80 -44.50
N VAL A 427 -7.23 -4.38 -43.48
CA VAL A 427 -7.81 -4.10 -42.17
C VAL A 427 -8.77 -2.94 -42.36
N LEU A 428 -8.31 -1.93 -43.09
CA LEU A 428 -9.13 -0.78 -43.40
C LEU A 428 -10.36 -1.22 -44.18
N GLU A 429 -10.11 -1.93 -45.27
CA GLU A 429 -11.15 -2.41 -46.19
C GLU A 429 -12.24 -3.16 -45.42
N PHE A 430 -11.83 -3.92 -44.42
CA PHE A 430 -12.76 -4.76 -43.67
C PHE A 430 -13.34 -4.09 -42.41
N GLY A 431 -13.08 -2.81 -42.22
CA GLY A 431 -13.77 -2.04 -41.21
C GLY A 431 -13.09 -2.02 -39.84
N GLY A 432 -11.83 -2.43 -39.81
CA GLY A 432 -11.09 -2.46 -38.57
C GLY A 432 -10.15 -1.28 -38.45
N ARG A 433 -9.24 -1.34 -37.49
CA ARG A 433 -8.26 -0.28 -37.31
C ARG A 433 -6.96 -0.79 -36.69
N LEU A 434 -5.94 0.06 -36.70
CA LEU A 434 -4.66 -0.21 -36.07
C LEU A 434 -4.56 0.61 -34.79
N TYR A 435 -3.59 0.25 -33.95
CA TYR A 435 -3.44 0.83 -32.62
C TYR A 435 -2.24 1.76 -32.66
N THR A 436 -2.43 3.03 -32.29
CA THR A 436 -1.35 4.03 -32.32
C THR A 436 -0.20 3.73 -31.36
N ALA A 437 -0.51 3.06 -30.26
CA ALA A 437 0.51 2.72 -29.28
C ALA A 437 1.45 1.65 -29.80
N LYS A 438 1.07 0.99 -30.89
CA LYS A 438 1.94 0.00 -31.52
C LYS A 438 2.47 0.48 -32.86
N ASP A 439 1.97 1.62 -33.34
CA ASP A 439 2.16 2.03 -34.74
C ASP A 439 3.02 3.26 -34.99
N SER A 440 3.94 3.12 -35.94
CA SER A 440 4.81 4.22 -36.31
C SER A 440 4.78 4.56 -37.81
N ARG A 441 4.27 3.65 -38.63
CA ARG A 441 4.44 3.75 -40.08
C ARG A 441 3.19 3.91 -40.97
N THR A 442 1.99 3.87 -40.40
CA THR A 442 0.78 4.06 -41.20
C THR A 442 0.65 5.51 -41.75
N THR A 443 -0.37 5.78 -42.55
CA THR A 443 -0.52 7.11 -43.14
C THR A 443 -1.77 7.80 -42.65
N ALA A 444 -1.77 9.13 -42.76
CA ALA A 444 -2.90 9.93 -42.35
C ALA A 444 -4.22 9.52 -43.03
N GLU A 445 -4.16 9.15 -44.31
CA GLU A 445 -5.38 8.79 -45.02
C GLU A 445 -5.97 7.51 -44.44
N THR A 446 -5.10 6.53 -44.24
CA THR A 446 -5.47 5.25 -43.64
C THR A 446 -6.02 5.45 -42.22
N PHE A 447 -5.33 6.26 -41.42
CA PHE A 447 -5.75 6.52 -40.06
C PHE A 447 -7.13 7.16 -40.02
N HIS A 448 -7.31 8.22 -40.80
CA HIS A 448 -8.55 8.99 -40.80
C HIS A 448 -9.73 8.12 -41.23
N ALA A 449 -9.46 7.20 -42.16
CA ALA A 449 -10.52 6.31 -42.63
C ALA A 449 -10.84 5.23 -41.60
N MET A 450 -9.82 4.81 -40.87
CA MET A 450 -10.01 3.85 -39.78
C MET A 450 -10.80 4.40 -38.61
N TYR A 451 -10.58 5.67 -38.29
CA TYR A 451 -11.26 6.36 -37.22
C TYR A 451 -12.18 7.46 -37.77
N PRO A 452 -13.40 7.08 -38.13
CA PRO A 452 -14.32 8.02 -38.78
C PRO A 452 -14.69 9.23 -37.90
N ARG A 453 -14.49 9.12 -36.58
CA ARG A 453 -14.78 10.25 -35.70
C ARG A 453 -13.59 11.18 -35.50
N VAL A 454 -12.54 11.03 -36.30
CA VAL A 454 -11.35 11.85 -36.10
C VAL A 454 -11.64 13.36 -36.28
N ASP A 455 -12.53 13.67 -37.21
CA ASP A 455 -12.94 15.05 -37.45
C ASP A 455 -13.67 15.62 -36.25
N GLU A 456 -14.55 14.82 -35.66
CA GLU A 456 -15.21 15.18 -34.42
C GLU A 456 -14.18 15.49 -33.35
N TRP A 457 -13.11 14.72 -33.34
CA TRP A 457 -12.08 14.82 -32.29
C TRP A 457 -11.23 16.05 -32.51
N ILE A 458 -10.81 16.24 -33.76
CA ILE A 458 -9.95 17.35 -34.14
C ILE A 458 -10.56 18.69 -33.78
N SER A 459 -11.88 18.79 -33.97
CA SER A 459 -12.60 20.02 -33.63
C SER A 459 -12.42 20.35 -32.16
N VAL A 460 -12.69 19.36 -31.30
CA VAL A 460 -12.54 19.50 -29.84
C VAL A 460 -11.14 19.98 -29.48
N ARG A 461 -10.13 19.38 -30.10
CA ARG A 461 -8.75 19.79 -29.90
C ARG A 461 -8.49 21.19 -30.41
N ARG A 462 -9.21 21.60 -31.46
CA ARG A 462 -9.05 22.95 -32.00
C ARG A 462 -9.39 23.99 -30.98
N LYS A 463 -10.50 23.78 -30.24
CA LYS A 463 -10.90 24.71 -29.17
C LYS A 463 -9.82 24.85 -28.10
N VAL A 464 -9.27 23.72 -27.66
CA VAL A 464 -8.46 23.68 -26.45
C VAL A 464 -6.97 23.93 -26.72
N ASP A 465 -6.61 23.92 -28.00
CA ASP A 465 -5.26 24.28 -28.39
C ASP A 465 -5.24 24.90 -29.81
N PRO A 466 -5.69 26.16 -29.93
CA PRO A 466 -5.81 26.82 -31.23
C PRO A 466 -4.45 27.09 -31.87
N LEU A 467 -3.43 27.23 -31.04
CA LEU A 467 -2.11 27.66 -31.49
C LEU A 467 -1.09 26.53 -31.58
N ARG A 468 -1.56 25.28 -31.58
CA ARG A 468 -0.70 24.11 -31.71
C ARG A 468 0.47 24.07 -30.73
N VAL A 469 0.14 24.30 -29.46
CA VAL A 469 1.10 24.25 -28.36
C VAL A 469 1.56 22.80 -28.13
N PHE A 470 0.63 21.86 -28.27
CA PHE A 470 0.95 20.44 -28.12
C PHE A 470 1.03 19.72 -29.46
N ALA A 471 2.20 19.13 -29.71
CA ALA A 471 2.48 18.50 -30.97
C ALA A 471 3.44 17.35 -30.73
N SER A 472 3.44 16.39 -31.65
CA SER A 472 4.35 15.25 -31.58
C SER A 472 4.64 14.71 -32.98
N ASP A 473 5.65 13.87 -33.09
CA ASP A 473 5.99 13.24 -34.37
C ASP A 473 4.79 12.55 -34.98
N MET A 474 3.99 11.91 -34.13
CA MET A 474 2.77 11.24 -34.57
C MET A 474 1.70 12.20 -35.07
N ALA A 475 1.47 13.29 -34.32
CA ALA A 475 0.41 14.23 -34.68
C ALA A 475 0.63 14.84 -36.08
N ARG A 476 1.88 15.05 -36.43
CA ARG A 476 2.20 15.67 -37.69
C ARG A 476 2.03 14.62 -38.80
N ARG A 477 2.50 13.41 -38.52
CA ARG A 477 2.42 12.30 -39.46
C ARG A 477 0.98 11.90 -39.78
N LEU A 478 0.14 11.80 -38.76
CA LEU A 478 -1.25 11.42 -38.95
C LEU A 478 -2.18 12.60 -39.18
N GLU A 479 -1.60 13.80 -39.22
CA GLU A 479 -2.37 15.05 -39.38
C GLU A 479 -3.51 15.21 -38.35
N LEU A 480 -3.14 15.12 -37.07
CA LEU A 480 -4.06 15.33 -35.96
C LEU A 480 -3.77 16.69 -35.34
N LEU A 481 -2.58 17.20 -35.65
CA LEU A 481 -2.13 18.53 -35.25
C LEU A 481 -3.16 19.63 -35.55
N THR B 27 -22.90 -18.06 19.30
CA THR B 27 -22.23 -16.80 18.98
C THR B 27 -20.85 -16.72 19.64
N THR B 28 -20.77 -17.16 20.89
CA THR B 28 -19.54 -17.06 21.69
C THR B 28 -18.84 -18.42 21.91
N THR B 29 -17.57 -18.37 22.29
CA THR B 29 -16.79 -19.57 22.63
C THR B 29 -16.01 -19.36 23.91
N ALA B 30 -16.32 -20.12 24.95
CA ALA B 30 -15.60 -20.05 26.22
C ALA B 30 -14.15 -20.51 26.02
N THR B 31 -13.20 -19.62 26.29
CA THR B 31 -11.79 -19.88 26.00
C THR B 31 -10.90 -19.53 27.20
N ARG B 32 -9.72 -20.16 27.25
CA ARG B 32 -8.75 -19.99 28.32
C ARG B 32 -7.67 -18.98 27.93
N LEU B 33 -7.75 -17.78 28.52
CA LEU B 33 -6.92 -16.65 28.08
C LEU B 33 -5.80 -16.27 29.05
N THR B 34 -4.60 -16.11 28.51
CA THR B 34 -3.49 -15.52 29.25
C THR B 34 -3.00 -14.24 28.56
N GLY B 35 -2.24 -13.43 29.30
CA GLY B 35 -1.45 -12.36 28.71
C GLY B 35 -0.28 -13.00 27.99
N TRP B 36 0.58 -12.20 27.39
CA TRP B 36 1.72 -12.73 26.63
C TRP B 36 2.71 -13.49 27.53
N GLY B 37 2.76 -13.08 28.81
CA GLY B 37 3.63 -13.71 29.79
C GLY B 37 3.18 -15.11 30.18
N ARG B 38 1.99 -15.49 29.72
CA ARG B 38 1.43 -16.83 29.92
C ARG B 38 1.19 -17.14 31.40
N THR B 39 0.81 -16.11 32.16
CA THR B 39 0.55 -16.28 33.59
C THR B 39 -0.85 -15.80 33.98
N ALA B 40 -1.36 -16.36 35.08
CA ALA B 40 -2.70 -16.07 35.59
C ALA B 40 -3.84 -16.28 34.59
N PRO B 41 -4.00 -17.53 34.09
CA PRO B 41 -5.07 -17.82 33.12
C PRO B 41 -6.47 -17.60 33.71
N SER B 42 -7.43 -17.24 32.86
CA SER B 42 -8.83 -17.20 33.27
C SER B 42 -9.72 -17.53 32.08
N VAL B 43 -10.89 -18.11 32.34
CA VAL B 43 -11.78 -18.54 31.28
C VAL B 43 -12.90 -17.53 31.01
N ALA B 44 -13.00 -17.11 29.75
CA ALA B 44 -14.03 -16.16 29.33
C ALA B 44 -14.71 -16.60 28.03
N ASN B 45 -15.91 -16.09 27.81
CA ASN B 45 -16.64 -16.32 26.58
C ASN B 45 -16.13 -15.35 25.51
N VAL B 46 -15.55 -15.89 24.44
CA VAL B 46 -14.87 -15.07 23.45
C VAL B 46 -15.64 -14.90 22.13
N LEU B 47 -16.20 -13.70 21.94
CA LEU B 47 -16.85 -13.33 20.69
C LEU B 47 -15.80 -12.95 19.62
N ARG B 48 -15.86 -13.55 18.45
CA ARG B 48 -14.81 -13.29 17.44
C ARG B 48 -15.37 -13.08 16.03
N THR B 49 -16.09 -11.97 15.84
CA THR B 49 -16.76 -11.70 14.56
C THR B 49 -16.28 -10.42 13.85
N PRO B 50 -16.29 -10.42 12.49
CA PRO B 50 -15.96 -9.24 11.69
C PRO B 50 -17.14 -8.29 11.55
N ASP B 51 -18.28 -8.68 12.12
CA ASP B 51 -19.51 -7.90 12.01
C ASP B 51 -19.65 -6.91 13.16
N ALA B 52 -19.49 -5.63 12.85
CA ALA B 52 -19.63 -4.57 13.85
C ALA B 52 -21.03 -4.55 14.48
N GLU B 53 -21.98 -5.20 13.82
CA GLU B 53 -23.34 -5.25 14.35
C GLU B 53 -23.46 -6.23 15.51
N MET B 54 -22.90 -7.42 15.33
CA MET B 54 -22.94 -8.45 16.36
C MET B 54 -22.25 -7.98 17.63
N ILE B 55 -21.18 -7.22 17.46
CA ILE B 55 -20.42 -6.65 18.56
C ILE B 55 -21.26 -5.64 19.33
N VAL B 56 -21.91 -4.73 18.62
CA VAL B 56 -22.80 -3.74 19.25
C VAL B 56 -23.93 -4.44 20.01
N LYS B 57 -24.37 -5.57 19.48
CA LYS B 57 -25.46 -6.32 20.10
C LYS B 57 -24.97 -7.19 21.26
N ALA B 58 -23.77 -7.74 21.14
CA ALA B 58 -23.22 -8.54 22.23
C ALA B 58 -23.03 -7.67 23.47
N VAL B 59 -22.83 -6.37 23.23
CA VAL B 59 -22.71 -5.38 24.31
C VAL B 59 -24.04 -5.12 25.01
N ALA B 60 -25.10 -4.88 24.24
CA ALA B 60 -26.43 -4.70 24.82
C ALA B 60 -26.95 -6.00 25.43
N ARG B 61 -26.35 -7.13 25.03
CA ARG B 61 -26.63 -8.47 25.57
C ARG B 61 -25.86 -8.66 26.87
N VAL B 62 -25.18 -7.61 27.30
CA VAL B 62 -24.42 -7.63 28.54
C VAL B 62 -24.91 -6.51 29.46
N ALA B 63 -25.29 -5.38 28.86
CA ALA B 63 -25.84 -4.26 29.61
C ALA B 63 -27.30 -4.49 29.99
N GLU B 64 -27.86 -5.61 29.53
CA GLU B 64 -29.25 -5.96 29.82
C GLU B 64 -29.36 -6.86 31.05
N SER B 65 -28.32 -7.66 31.30
CA SER B 65 -28.32 -8.64 32.38
C SER B 65 -27.75 -8.05 33.67
N GLY B 66 -27.88 -6.74 33.82
CA GLY B 66 -27.30 -6.01 34.94
C GLY B 66 -25.88 -5.57 34.63
N GLY B 67 -24.93 -6.15 35.36
CA GLY B 67 -23.52 -5.92 35.09
C GLY B 67 -22.82 -7.25 34.91
N GLY B 68 -23.09 -8.17 35.84
CA GLY B 68 -22.48 -9.49 35.82
C GLY B 68 -20.96 -9.35 35.85
N ARG B 69 -20.29 -10.03 34.93
CA ARG B 69 -18.84 -9.93 34.87
C ARG B 69 -18.40 -9.11 33.65
N GLY B 70 -19.37 -8.47 33.03
CA GLY B 70 -19.14 -7.45 32.02
C GLY B 70 -18.42 -7.89 30.76
N ALA B 71 -17.77 -6.94 30.10
CA ALA B 71 -17.09 -7.22 28.86
C ALA B 71 -15.80 -6.43 28.70
N ILE B 72 -14.77 -7.09 28.18
CA ILE B 72 -13.55 -6.38 27.81
C ILE B 72 -13.16 -6.66 26.35
N ALA B 73 -12.56 -5.67 25.69
CA ALA B 73 -12.01 -5.86 24.33
C ALA B 73 -10.64 -6.56 24.38
N ARG B 74 -10.33 -7.35 23.36
CA ARG B 74 -9.00 -7.96 23.25
C ARG B 74 -8.40 -7.70 21.87
N GLY B 75 -7.07 -7.56 21.80
CA GLY B 75 -6.44 -7.34 20.50
C GLY B 75 -5.64 -8.55 20.08
N LEU B 76 -4.35 -8.35 19.85
CA LEU B 76 -3.46 -9.46 19.55
C LEU B 76 -2.88 -10.11 20.81
N GLY B 77 -3.39 -9.69 21.97
CA GLY B 77 -3.04 -10.26 23.27
C GLY B 77 -1.57 -10.17 23.64
N ARG B 78 -0.89 -9.16 23.14
CA ARG B 78 0.53 -9.00 23.42
C ARG B 78 0.80 -8.38 24.79
N SER B 79 -0.22 -7.78 25.40
CA SER B 79 -0.05 -7.23 26.73
C SER B 79 0.23 -8.38 27.70
N TYR B 80 1.36 -8.29 28.41
CA TYR B 80 1.76 -9.29 29.40
C TYR B 80 0.75 -9.36 30.56
N GLY B 81 0.14 -8.20 30.86
CA GLY B 81 -0.79 -8.08 31.96
C GLY B 81 -2.06 -8.87 31.80
N ASP B 82 -3.08 -8.43 32.54
CA ASP B 82 -4.37 -9.11 32.55
C ASP B 82 -5.50 -8.13 32.20
N ASN B 83 -5.16 -7.11 31.40
CA ASN B 83 -6.12 -6.10 30.96
C ASN B 83 -7.05 -6.61 29.83
N ALA B 84 -6.64 -7.71 29.20
CA ALA B 84 -7.39 -8.26 28.09
C ALA B 84 -7.89 -9.65 28.48
N GLN B 85 -8.33 -9.77 29.72
CA GLN B 85 -8.96 -10.98 30.23
C GLN B 85 -10.16 -10.54 31.06
N ASN B 86 -11.17 -11.38 31.09
CA ASN B 86 -12.34 -11.05 31.89
C ASN B 86 -12.99 -12.36 32.33
N GLY B 87 -12.24 -13.16 33.09
CA GLY B 87 -12.68 -14.47 33.55
C GLY B 87 -14.10 -14.52 34.10
N GLY B 88 -14.95 -15.33 33.47
CA GLY B 88 -16.35 -15.42 33.85
C GLY B 88 -17.19 -14.34 33.20
N GLY B 89 -16.58 -13.58 32.30
CA GLY B 89 -17.28 -12.57 31.54
C GLY B 89 -17.05 -12.70 30.04
N LEU B 90 -17.29 -11.61 29.33
CA LEU B 90 -17.18 -11.60 27.87
C LEU B 90 -15.89 -10.92 27.37
N VAL B 91 -15.10 -11.67 26.62
CA VAL B 91 -13.93 -11.11 25.94
C VAL B 91 -14.19 -10.98 24.42
N ILE B 92 -14.15 -9.75 23.91
CA ILE B 92 -14.38 -9.53 22.47
C ILE B 92 -13.10 -9.39 21.65
N ASP B 93 -12.80 -10.40 20.83
CA ASP B 93 -11.63 -10.39 19.96
C ASP B 93 -11.87 -9.41 18.80
N MET B 94 -11.04 -8.38 18.72
CA MET B 94 -11.20 -7.31 17.73
C MET B 94 -10.40 -7.54 16.44
N THR B 95 -9.57 -8.57 16.40
CA THR B 95 -8.75 -8.84 15.22
C THR B 95 -9.50 -9.12 13.89
N PRO B 96 -10.79 -9.51 13.95
CA PRO B 96 -11.48 -9.57 12.66
C PRO B 96 -11.71 -8.20 12.04
N LEU B 97 -11.89 -7.16 12.86
CA LEU B 97 -12.06 -5.80 12.33
C LEU B 97 -10.77 -5.18 11.80
N ASN B 98 -10.24 -5.69 10.70
CA ASN B 98 -8.94 -5.23 10.26
C ASN B 98 -8.95 -4.46 8.94
N THR B 99 -10.02 -3.71 8.69
CA THR B 99 -10.12 -2.94 7.45
C THR B 99 -9.41 -1.59 7.54
N ILE B 100 -8.43 -1.39 6.66
CA ILE B 100 -7.87 -0.08 6.39
C ILE B 100 -8.80 0.68 5.43
N HIS B 101 -9.49 1.69 5.95
CA HIS B 101 -10.49 2.41 5.15
C HIS B 101 -9.86 3.38 4.15
N SER B 102 -8.80 4.06 4.56
CA SER B 102 -8.19 5.06 3.69
C SER B 102 -6.85 5.52 4.23
N ILE B 103 -5.98 5.93 3.31
CA ILE B 103 -4.73 6.56 3.66
C ILE B 103 -4.64 7.77 2.75
N ASP B 104 -4.17 8.89 3.28
CA ASP B 104 -4.08 10.10 2.49
C ASP B 104 -2.73 10.73 2.75
N ALA B 105 -1.92 10.87 1.71
CA ALA B 105 -0.56 11.37 1.88
C ALA B 105 -0.50 12.89 2.04
N ASP B 106 -1.59 13.56 1.74
CA ASP B 106 -1.61 15.02 1.80
C ASP B 106 -1.92 15.50 3.22
N THR B 107 -2.94 14.90 3.82
CA THR B 107 -3.32 15.18 5.19
C THR B 107 -2.52 14.31 6.17
N LYS B 108 -1.84 13.29 5.63
CA LYS B 108 -1.13 12.30 6.44
C LYS B 108 -2.04 11.54 7.38
N LEU B 109 -3.34 11.57 7.13
CA LEU B 109 -4.28 10.84 7.97
C LEU B 109 -4.49 9.44 7.45
N VAL B 110 -4.62 8.54 8.40
CA VAL B 110 -4.87 7.14 8.12
C VAL B 110 -6.11 6.78 8.92
N ASP B 111 -7.02 6.02 8.32
CA ASP B 111 -8.33 5.79 8.89
C ASP B 111 -8.55 4.29 8.92
N ILE B 112 -8.39 3.69 10.10
CA ILE B 112 -8.44 2.24 10.17
C ILE B 112 -9.40 1.71 11.23
N ASP B 113 -9.65 0.41 11.17
CA ASP B 113 -10.45 -0.30 12.14
C ASP B 113 -9.53 -0.63 13.31
N ALA B 114 -10.09 -0.75 14.52
CA ALA B 114 -9.27 -0.97 15.70
C ALA B 114 -8.52 -2.28 15.65
N GLY B 115 -8.99 -3.20 14.82
CA GLY B 115 -8.34 -4.50 14.70
C GLY B 115 -7.12 -4.57 13.82
N VAL B 116 -6.82 -3.52 13.06
CA VAL B 116 -5.61 -3.60 12.23
C VAL B 116 -4.38 -3.51 13.11
N ASN B 117 -3.39 -4.35 12.84
CA ASN B 117 -2.13 -4.29 13.56
C ASN B 117 -1.14 -3.33 12.92
N LEU B 118 -0.08 -2.98 13.65
CA LEU B 118 0.82 -1.93 13.21
C LEU B 118 1.74 -2.42 12.11
N ASP B 119 1.84 -3.73 11.96
CA ASP B 119 2.69 -4.26 10.90
C ASP B 119 1.98 -4.12 9.56
N GLN B 120 0.73 -4.57 9.56
CA GLN B 120 -0.21 -4.39 8.47
C GLN B 120 -0.24 -2.92 8.05
N LEU B 121 -0.40 -2.04 9.05
CA LEU B 121 -0.50 -0.61 8.81
C LEU B 121 0.80 -0.02 8.24
N MET B 122 1.92 -0.49 8.72
CA MET B 122 3.19 0.03 8.26
C MET B 122 3.41 -0.31 6.77
N LYS B 123 2.96 -1.49 6.36
CA LYS B 123 3.23 -1.98 5.03
C LYS B 123 2.37 -1.20 4.06
N ALA B 124 1.12 -0.96 4.46
CA ALA B 124 0.16 -0.24 3.63
C ALA B 124 0.52 1.22 3.44
N ALA B 125 1.18 1.82 4.44
CA ALA B 125 1.37 3.27 4.46
C ALA B 125 2.71 3.72 3.92
N LEU B 126 3.69 2.83 3.93
CA LEU B 126 5.00 3.14 3.33
C LEU B 126 4.92 3.73 1.91
N PRO B 127 4.15 3.11 0.99
CA PRO B 127 4.12 3.65 -0.37
C PRO B 127 3.59 5.09 -0.48
N PHE B 128 3.03 5.63 0.60
CA PHE B 128 2.52 7.01 0.59
C PHE B 128 3.50 7.97 1.25
N GLY B 129 4.69 7.49 1.53
CA GLY B 129 5.66 8.27 2.27
C GLY B 129 5.25 8.56 3.71
N LEU B 130 4.48 7.66 4.30
CA LEU B 130 4.04 7.82 5.68
C LEU B 130 4.60 6.73 6.61
N TRP B 131 5.00 7.15 7.81
CA TRP B 131 5.60 6.27 8.84
C TRP B 131 4.73 6.26 10.11
N VAL B 132 4.48 5.07 10.65
CA VAL B 132 3.78 4.90 11.93
C VAL B 132 4.53 5.68 13.02
N PRO B 133 3.84 6.63 13.64
CA PRO B 133 4.52 7.64 14.46
C PRO B 133 5.15 7.07 15.73
N VAL B 134 4.59 5.99 16.28
CA VAL B 134 5.13 5.35 17.45
C VAL B 134 5.10 3.88 17.19
N LEU B 135 6.27 3.24 17.23
CA LEU B 135 6.34 1.78 17.16
C LEU B 135 6.88 1.16 18.46
N PRO B 136 6.20 0.11 18.95
CA PRO B 136 6.71 -0.71 20.05
C PRO B 136 7.71 -1.77 19.55
N GLY B 137 8.27 -2.53 20.49
CA GLY B 137 9.28 -3.52 20.16
C GLY B 137 8.77 -4.78 19.48
N THR B 138 7.46 -4.88 19.30
CA THR B 138 6.88 -5.93 18.47
C THR B 138 5.80 -5.26 17.62
N ARG B 139 5.60 -5.73 16.39
CA ARG B 139 4.66 -5.06 15.48
C ARG B 139 3.31 -5.74 15.46
N GLN B 140 3.24 -6.90 16.10
CA GLN B 140 1.98 -7.62 16.21
C GLN B 140 1.14 -7.04 17.33
N VAL B 141 0.67 -5.82 17.11
CA VAL B 141 -0.06 -5.03 18.08
C VAL B 141 -1.21 -4.33 17.37
N THR B 142 -2.43 -4.46 17.86
CA THR B 142 -3.53 -3.76 17.22
C THR B 142 -3.51 -2.29 17.57
N VAL B 143 -4.28 -1.53 16.80
CA VAL B 143 -4.44 -0.10 17.02
C VAL B 143 -5.23 0.12 18.32
N GLY B 144 -6.21 -0.74 18.58
CA GLY B 144 -6.97 -0.68 19.80
C GLY B 144 -6.06 -0.78 21.03
N GLY B 145 -5.18 -1.78 21.01
CA GLY B 145 -4.20 -2.00 22.05
C GLY B 145 -3.19 -0.88 22.20
N ALA B 146 -2.72 -0.35 21.07
CA ALA B 146 -1.77 0.75 21.04
C ALA B 146 -2.34 2.00 21.74
N ILE B 147 -3.64 2.23 21.55
CA ILE B 147 -4.30 3.39 22.15
C ILE B 147 -4.61 3.10 23.62
N ALA B 148 -5.28 1.98 23.88
CA ALA B 148 -5.66 1.58 25.24
C ALA B 148 -4.51 1.43 26.24
N CYS B 149 -3.30 1.12 25.76
CA CYS B 149 -2.15 1.13 26.65
C CYS B 149 -1.29 2.36 26.41
N ASP B 150 -1.73 3.24 25.51
CA ASP B 150 -0.97 4.44 25.17
C ASP B 150 0.52 4.10 25.02
N ILE B 151 0.84 3.27 24.04
CA ILE B 151 2.19 2.73 23.94
C ILE B 151 3.23 3.78 23.61
N HIS B 152 4.47 3.48 24.01
CA HIS B 152 5.60 4.34 23.71
C HIS B 152 6.60 3.54 22.89
N GLY B 153 7.60 4.23 22.34
CA GLY B 153 8.66 3.57 21.61
C GLY B 153 9.96 4.33 21.72
N LYS B 154 10.93 3.94 20.89
CA LYS B 154 12.28 4.52 20.91
C LYS B 154 12.31 6.02 20.65
N ASN B 155 11.23 6.55 20.08
CA ASN B 155 11.16 7.99 19.84
C ASN B 155 10.31 8.79 20.84
N HIS B 156 10.02 8.19 21.99
CA HIS B 156 9.16 8.90 22.95
C HIS B 156 9.58 10.33 23.29
N HIS B 157 10.87 10.51 23.54
CA HIS B 157 11.43 11.83 23.84
C HIS B 157 11.20 12.86 22.72
N SER B 158 10.87 12.41 21.50
CA SER B 158 10.61 13.35 20.40
C SER B 158 9.17 13.35 19.87
N ALA B 159 8.47 12.22 19.96
CA ALA B 159 7.13 12.08 19.35
C ALA B 159 6.02 11.85 20.38
N GLY B 160 6.40 11.69 21.64
CA GLY B 160 5.46 11.31 22.68
C GLY B 160 5.02 9.87 22.47
N SER B 161 3.87 9.51 22.99
CA SER B 161 3.41 8.13 22.90
C SER B 161 2.28 8.05 21.88
N PHE B 162 1.67 6.88 21.74
CA PHE B 162 0.71 6.64 20.65
C PHE B 162 -0.49 7.57 20.68
N GLY B 163 -0.98 7.91 21.86
CA GLY B 163 -2.19 8.72 21.94
C GLY B 163 -2.01 10.14 21.42
N ASN B 164 -0.78 10.63 21.44
CA ASN B 164 -0.50 11.97 20.90
C ASN B 164 -0.81 12.11 19.43
N HIS B 165 -0.98 10.97 18.73
CA HIS B 165 -1.13 11.01 17.27
C HIS B 165 -2.52 10.59 16.84
N VAL B 166 -3.37 10.26 17.78
CA VAL B 166 -4.75 9.93 17.45
C VAL B 166 -5.51 11.23 17.27
N ARG B 167 -6.15 11.37 16.11
CA ARG B 167 -6.88 12.59 15.79
C ARG B 167 -8.40 12.46 16.01
N SER B 168 -8.86 11.24 16.17
CA SER B 168 -10.29 10.95 16.32
C SER B 168 -10.43 9.47 16.59
N MET B 169 -11.50 9.08 17.28
CA MET B 169 -11.80 7.65 17.37
C MET B 169 -13.28 7.45 17.61
N ASP B 170 -13.74 6.24 17.29
CA ASP B 170 -15.13 5.88 17.40
C ASP B 170 -15.23 4.87 18.54
N LEU B 171 -15.80 5.31 19.66
CA LEU B 171 -15.88 4.47 20.84
C LEU B 171 -17.29 3.94 21.04
N LEU B 172 -17.45 2.63 20.94
CA LEU B 172 -18.71 1.98 21.33
C LEU B 172 -18.87 2.01 22.85
N THR B 173 -19.77 2.84 23.34
CA THR B 173 -19.91 2.99 24.79
C THR B 173 -20.88 1.96 25.38
N ALA B 174 -20.95 1.93 26.72
CA ALA B 174 -21.79 0.97 27.45
C ALA B 174 -23.28 1.08 27.12
N ASP B 175 -23.72 2.28 26.76
CA ASP B 175 -25.13 2.52 26.46
C ASP B 175 -25.54 2.07 25.05
N GLY B 176 -24.59 1.51 24.30
CA GLY B 176 -24.89 1.04 22.95
C GLY B 176 -24.56 2.04 21.86
N GLU B 177 -24.55 3.34 22.20
CA GLU B 177 -24.22 4.37 21.21
C GLU B 177 -22.73 4.38 20.86
N ILE B 178 -22.41 4.94 19.69
CA ILE B 178 -21.03 5.05 19.22
C ILE B 178 -20.59 6.51 19.20
N ARG B 179 -19.70 6.86 20.12
CA ARG B 179 -19.28 8.25 20.26
C ARG B 179 -18.05 8.55 19.37
N HIS B 180 -18.05 9.75 18.81
CA HIS B 180 -16.92 10.25 18.04
C HIS B 180 -16.09 11.16 18.93
N LEU B 181 -14.88 10.74 19.26
CA LEU B 181 -14.06 11.52 20.17
C LEU B 181 -12.93 12.17 19.40
N THR B 182 -12.57 13.39 19.80
CA THR B 182 -11.36 14.07 19.32
C THR B 182 -10.56 14.62 20.53
N PRO B 183 -9.25 14.85 20.36
CA PRO B 183 -8.45 15.28 21.51
C PRO B 183 -8.74 16.71 21.99
N THR B 184 -9.37 17.53 21.15
CA THR B 184 -9.73 18.90 21.53
C THR B 184 -11.25 19.13 21.45
N GLY B 185 -11.69 20.34 21.73
CA GLY B 185 -13.12 20.59 21.84
C GLY B 185 -13.81 19.69 22.87
N GLU B 186 -15.14 19.71 22.87
CA GLU B 186 -15.91 18.89 23.81
C GLU B 186 -15.58 17.43 23.61
N ASP B 187 -15.87 16.62 24.62
CA ASP B 187 -15.52 15.19 24.62
C ASP B 187 -14.04 14.86 24.69
N ALA B 188 -13.18 15.88 24.80
CA ALA B 188 -11.76 15.66 25.06
C ALA B 188 -11.52 14.82 26.33
N GLU B 189 -12.37 14.96 27.33
CA GLU B 189 -12.14 14.26 28.58
C GLU B 189 -12.26 12.76 28.38
N LEU B 190 -13.26 12.37 27.60
CA LEU B 190 -13.50 10.96 27.40
C LEU B 190 -12.45 10.40 26.42
N PHE B 191 -11.99 11.26 25.52
CA PHE B 191 -10.96 10.86 24.59
C PHE B 191 -9.72 10.51 25.39
N TRP B 192 -9.31 11.44 26.25
CA TRP B 192 -8.07 11.30 26.99
C TRP B 192 -8.13 10.31 28.14
N ALA B 193 -9.33 9.80 28.43
CA ALA B 193 -9.49 8.73 29.43
C ALA B 193 -9.44 7.39 28.74
N THR B 194 -9.80 7.40 27.45
CA THR B 194 -9.79 6.19 26.63
C THR B 194 -8.34 5.87 26.25
N VAL B 195 -7.57 6.92 26.00
CA VAL B 195 -6.14 6.76 25.73
C VAL B 195 -5.55 6.26 27.03
N GLY B 196 -4.93 5.09 27.01
CA GLY B 196 -4.34 4.52 28.21
C GLY B 196 -5.39 4.02 29.20
N GLY B 197 -6.63 3.93 28.72
CA GLY B 197 -7.74 3.45 29.53
C GLY B 197 -7.87 1.95 29.67
N ASN B 198 -6.97 1.20 29.03
CA ASN B 198 -7.03 -0.27 29.06
C ASN B 198 -8.40 -0.83 28.65
N GLY B 199 -9.07 -0.15 27.72
CA GLY B 199 -10.36 -0.59 27.21
C GLY B 199 -11.53 -0.53 28.18
N LEU B 200 -11.40 0.28 29.24
CA LEU B 200 -12.42 0.36 30.28
C LEU B 200 -13.35 1.55 30.13
N THR B 201 -13.27 2.26 29.01
CA THR B 201 -14.28 3.27 28.71
C THR B 201 -15.18 2.76 27.59
N GLY B 202 -14.93 1.54 27.14
CA GLY B 202 -15.68 0.98 26.02
C GLY B 202 -14.80 0.44 24.90
N ILE B 203 -15.43 0.05 23.80
CA ILE B 203 -14.70 -0.57 22.71
C ILE B 203 -14.35 0.41 21.57
N ILE B 204 -13.07 0.48 21.23
CA ILE B 204 -12.64 1.35 20.15
C ILE B 204 -12.91 0.60 18.85
N MET B 205 -13.74 1.17 17.98
CA MET B 205 -14.12 0.50 16.74
C MET B 205 -13.23 0.93 15.56
N ARG B 206 -12.85 2.19 15.57
CA ARG B 206 -12.25 2.82 14.42
C ARG B 206 -11.51 4.06 14.88
N ALA B 207 -10.46 4.44 14.18
CA ALA B 207 -9.68 5.59 14.58
C ALA B 207 -9.03 6.27 13.39
N THR B 208 -8.68 7.54 13.59
CA THR B 208 -7.86 8.23 12.61
C THR B 208 -6.54 8.63 13.25
N ILE B 209 -5.44 8.20 12.62
CA ILE B 209 -4.11 8.50 13.10
C ILE B 209 -3.44 9.49 12.16
N GLU B 210 -2.72 10.47 12.71
CA GLU B 210 -1.84 11.28 11.90
C GLU B 210 -0.45 10.67 11.83
N MET B 211 -0.05 10.29 10.61
CA MET B 211 1.22 9.60 10.36
C MET B 211 2.40 10.57 10.30
N THR B 212 3.60 10.02 10.36
CA THR B 212 4.81 10.81 10.21
C THR B 212 5.34 10.71 8.77
N PRO B 213 5.56 11.86 8.10
CA PRO B 213 6.04 11.78 6.71
C PRO B 213 7.48 11.29 6.64
N THR B 214 7.80 10.49 5.63
CA THR B 214 9.16 9.98 5.44
C THR B 214 9.44 9.78 3.97
N SER B 215 10.68 10.04 3.56
CA SER B 215 11.11 9.78 2.17
C SER B 215 11.74 8.38 2.00
N THR B 216 12.07 7.74 3.12
CA THR B 216 12.60 6.36 3.11
C THR B 216 12.09 5.50 4.28
N ALA B 217 12.41 4.21 4.19
CA ALA B 217 12.07 3.25 5.22
C ALA B 217 13.33 2.86 5.98
N TYR B 218 14.25 3.80 6.10
CA TYR B 218 15.58 3.51 6.65
C TYR B 218 16.00 4.51 7.70
N PHE B 219 16.86 4.04 8.61
CA PHE B 219 17.44 4.90 9.62
C PHE B 219 18.91 5.16 9.34
N ILE B 220 19.39 6.31 9.78
CA ILE B 220 20.82 6.54 9.90
C ILE B 220 21.14 6.62 11.38
N ALA B 221 22.00 5.70 11.84
CA ALA B 221 22.21 5.47 13.25
C ALA B 221 23.64 5.76 13.69
N ASP B 222 23.77 6.44 14.84
CA ASP B 222 25.04 6.58 15.54
C ASP B 222 25.08 5.65 16.75
N GLY B 223 26.12 4.83 16.85
CA GLY B 223 26.24 3.89 17.94
C GLY B 223 27.27 4.35 18.95
N ASP B 224 26.95 4.21 20.24
CA ASP B 224 27.88 4.60 21.29
C ASP B 224 27.96 3.54 22.38
N VAL B 225 29.08 3.51 23.09
CA VAL B 225 29.22 2.57 24.19
C VAL B 225 29.72 3.29 25.44
N THR B 226 29.24 2.85 26.60
CA THR B 226 29.63 3.44 27.88
C THR B 226 30.25 2.38 28.77
N ALA B 227 31.00 2.77 29.78
CA ALA B 227 31.63 1.81 30.68
C ALA B 227 31.01 1.80 32.08
N SER B 228 30.17 2.79 32.35
CA SER B 228 29.57 2.93 33.68
C SER B 228 28.20 3.60 33.65
N LEU B 229 27.40 3.30 34.67
CA LEU B 229 26.09 3.91 34.81
C LEU B 229 26.22 5.44 34.83
N ASP B 230 27.33 5.92 35.38
CA ASP B 230 27.54 7.36 35.45
C ASP B 230 27.70 7.98 34.06
N GLU B 231 28.47 7.34 33.17
CA GLU B 231 28.64 7.94 31.85
C GLU B 231 27.42 7.72 30.92
N THR B 232 26.66 6.67 31.21
CA THR B 232 25.37 6.45 30.56
C THR B 232 24.42 7.63 30.86
N ILE B 233 24.28 8.00 32.13
CA ILE B 233 23.45 9.14 32.49
C ILE B 233 23.96 10.45 31.89
N ALA B 234 25.28 10.64 31.94
CA ALA B 234 25.90 11.85 31.38
C ALA B 234 25.61 11.98 29.89
N LEU B 235 25.68 10.85 29.18
CA LEU B 235 25.44 10.82 27.74
C LEU B 235 24.01 11.25 27.42
N HIS B 236 23.09 10.95 28.34
CA HIS B 236 21.69 11.29 28.14
C HIS B 236 21.35 12.65 28.72
N SER B 237 22.32 13.28 29.38
CA SER B 237 22.12 14.58 30.00
C SER B 237 22.91 15.70 29.32
N ASP B 238 23.83 15.34 28.44
CA ASP B 238 24.69 16.33 27.79
C ASP B 238 23.98 17.11 26.66
N GLY B 239 22.72 16.78 26.42
CA GLY B 239 21.93 17.46 25.42
C GLY B 239 22.08 16.88 24.02
N SER B 240 22.90 15.83 23.89
CA SER B 240 23.11 15.19 22.59
C SER B 240 21.82 14.53 22.13
N GLU B 241 20.99 14.19 23.11
CA GLU B 241 19.72 13.53 22.87
C GLU B 241 18.80 14.37 21.97
N ALA B 242 18.98 15.69 21.98
CA ALA B 242 18.19 16.57 21.13
C ALA B 242 18.53 16.44 19.64
N ARG B 243 19.59 15.69 19.31
CA ARG B 243 20.01 15.49 17.90
C ARG B 243 19.44 14.23 17.26
N TYR B 244 18.76 13.40 18.04
CA TYR B 244 18.16 12.20 17.49
C TYR B 244 16.68 12.18 17.83
N THR B 245 15.89 11.62 16.91
CA THR B 245 14.48 11.42 17.16
C THR B 245 14.25 10.04 17.81
N TYR B 246 15.20 9.13 17.63
CA TYR B 246 15.07 7.77 18.11
C TYR B 246 16.27 7.44 18.95
N SER B 247 16.02 7.03 20.20
CA SER B 247 17.12 6.65 21.09
C SER B 247 16.72 5.60 22.11
N SER B 248 17.59 4.59 22.28
CA SER B 248 17.44 3.56 23.30
C SER B 248 18.80 2.95 23.60
N ALA B 249 18.85 1.98 24.54
CA ALA B 249 20.13 1.41 24.94
C ALA B 249 20.03 -0.02 25.50
N TRP B 250 20.98 -0.87 25.14
CA TRP B 250 21.14 -2.14 25.86
C TRP B 250 21.92 -1.80 27.08
N PHE B 251 21.68 -2.52 28.16
CA PHE B 251 22.05 -1.99 29.45
C PHE B 251 22.47 -3.10 30.43
N ASP B 252 23.64 -2.94 31.04
CA ASP B 252 24.21 -3.96 31.96
C ASP B 252 23.62 -3.90 33.38
N ALA B 253 22.88 -4.95 33.74
CA ALA B 253 22.19 -5.01 35.02
C ALA B 253 22.75 -6.13 35.89
N ILE B 254 23.97 -6.57 35.58
CA ILE B 254 24.56 -7.74 36.24
C ILE B 254 25.93 -7.49 36.87
N SER B 255 26.85 -6.94 36.09
CA SER B 255 28.16 -6.57 36.61
C SER B 255 28.07 -5.64 37.81
N ALA B 256 28.98 -5.83 38.77
CA ALA B 256 29.06 -4.96 39.95
C ALA B 256 29.57 -3.59 39.52
N PRO B 257 29.36 -2.57 40.37
CA PRO B 257 29.90 -1.23 40.05
C PRO B 257 31.42 -1.25 39.97
N PRO B 258 32.02 -0.33 39.18
CA PRO B 258 31.33 0.73 38.44
C PRO B 258 30.98 0.29 37.01
N LYS B 259 31.24 -0.98 36.70
CA LYS B 259 30.83 -1.59 35.44
C LYS B 259 29.33 -1.50 35.28
N LEU B 260 28.60 -1.68 36.40
CA LEU B 260 27.14 -1.72 36.41
C LEU B 260 26.53 -0.55 35.69
N GLY B 261 25.63 -0.84 34.75
CA GLY B 261 24.91 0.20 34.06
C GLY B 261 25.66 0.80 32.88
N ARG B 262 26.70 0.11 32.42
CA ARG B 262 27.29 0.48 31.14
C ARG B 262 26.25 0.08 30.09
N ALA B 263 26.31 0.73 28.94
CA ALA B 263 25.26 0.56 27.94
C ALA B 263 25.77 0.62 26.50
N ALA B 264 25.14 -0.15 25.62
CA ALA B 264 25.32 0.04 24.17
C ALA B 264 24.19 0.93 23.66
N VAL B 265 24.51 2.19 23.40
CA VAL B 265 23.53 3.18 22.97
C VAL B 265 23.34 3.20 21.43
N SER B 266 22.09 3.08 21.00
CA SER B 266 21.75 3.15 19.58
C SER B 266 20.74 4.28 19.31
N ARG B 267 21.23 5.36 18.71
CA ARG B 267 20.41 6.53 18.43
C ARG B 267 20.42 6.87 16.93
N GLY B 268 19.32 7.41 16.43
CA GLY B 268 19.20 7.65 15.00
C GLY B 268 18.02 8.49 14.59
N ARG B 269 17.76 8.46 13.28
CA ARG B 269 16.65 9.18 12.70
C ARG B 269 16.33 8.58 11.35
N LEU B 270 15.18 8.94 10.79
CA LEU B 270 14.83 8.43 9.47
C LEU B 270 15.75 9.04 8.42
N ALA B 271 16.22 8.21 7.51
CA ALA B 271 17.08 8.68 6.43
C ALA B 271 16.26 9.35 5.33
N THR B 272 16.81 10.44 4.80
CA THR B 272 16.31 11.05 3.57
C THR B 272 16.82 10.21 2.40
N VAL B 273 16.31 10.44 1.19
CA VAL B 273 16.77 9.66 0.02
C VAL B 273 18.23 9.95 -0.35
N GLU B 274 18.62 11.22 -0.20
CA GLU B 274 19.98 11.66 -0.46
C GLU B 274 21.03 10.85 0.31
N GLN B 275 20.63 10.24 1.42
CA GLN B 275 21.59 9.56 2.31
C GLN B 275 21.65 8.06 2.10
N LEU B 276 20.81 7.57 1.20
CA LEU B 276 20.81 6.15 0.89
C LEU B 276 21.97 5.82 -0.07
N PRO B 277 22.57 4.63 0.10
CA PRO B 277 23.48 4.13 -0.93
C PRO B 277 22.74 4.01 -2.26
N ALA B 278 23.45 4.24 -3.36
CA ALA B 278 22.86 4.25 -4.70
C ALA B 278 21.98 3.02 -5.01
N LYS B 279 22.45 1.84 -4.64
CA LYS B 279 21.68 0.60 -4.82
C LYS B 279 20.26 0.72 -4.26
N LEU B 280 20.14 1.37 -3.10
CA LEU B 280 18.84 1.51 -2.42
C LEU B 280 18.01 2.72 -2.87
N ARG B 281 18.66 3.74 -3.43
CA ARG B 281 17.97 4.98 -3.81
C ARG B 281 16.78 4.81 -4.75
N SER B 282 16.50 3.57 -5.17
CA SER B 282 15.44 3.35 -6.17
C SER B 282 14.14 2.81 -5.57
N GLU B 283 14.23 2.06 -4.47
CA GLU B 283 13.05 1.66 -3.72
C GLU B 283 13.22 2.13 -2.29
N PRO B 284 13.14 3.46 -2.07
CA PRO B 284 13.47 4.08 -0.78
C PRO B 284 12.50 3.64 0.31
N LEU B 285 11.27 3.38 -0.11
CA LEU B 285 10.18 3.06 0.79
C LEU B 285 9.92 1.55 0.82
N LYS B 286 10.95 0.76 0.51
CA LYS B 286 10.86 -0.71 0.53
C LYS B 286 10.61 -1.30 1.93
N PHE B 287 9.56 -2.12 2.03
CA PHE B 287 9.13 -2.70 3.31
C PHE B 287 9.93 -3.93 3.71
N ASP B 288 9.81 -4.24 5.02
CA ASP B 288 10.14 -5.52 5.68
C ASP B 288 10.56 -5.30 7.13
N GLU B 314 40.77 -2.15 27.50
CA GLU B 314 41.27 -0.91 26.93
C GLU B 314 40.13 -0.06 26.36
N LEU B 315 40.50 0.98 25.62
CA LEU B 315 39.54 1.78 24.86
C LEU B 315 39.29 1.16 23.48
N TRP B 316 39.53 -0.14 23.35
CA TRP B 316 39.06 -0.87 22.18
C TRP B 316 37.55 -1.03 22.36
N TYR B 317 37.14 -1.24 23.61
CA TYR B 317 35.74 -1.33 23.97
C TYR B 317 34.89 -0.19 23.39
N ARG B 318 35.41 1.02 23.44
CA ARG B 318 34.70 2.18 22.89
C ARG B 318 34.65 2.16 21.36
N LYS B 319 35.81 2.15 20.70
CA LYS B 319 35.87 2.19 19.23
C LYS B 319 35.13 1.03 18.51
N SER B 320 34.96 -0.07 19.24
CA SER B 320 34.36 -1.31 18.71
C SER B 320 32.85 -1.21 18.56
N GLY B 321 32.18 -0.75 19.62
CA GLY B 321 30.75 -0.58 19.63
C GLY B 321 30.34 0.86 19.35
N THR B 322 31.01 1.48 18.37
CA THR B 322 30.76 2.86 17.99
C THR B 322 30.69 2.96 16.46
N TYR B 323 29.82 3.86 15.99
CA TYR B 323 29.72 4.16 14.57
C TYR B 323 29.01 5.47 14.32
N ARG B 324 29.00 5.89 13.06
CA ARG B 324 28.31 7.11 12.65
C ARG B 324 27.64 6.85 11.31
N GLY B 325 26.51 7.52 11.06
CA GLY B 325 25.83 7.45 9.78
C GLY B 325 25.54 6.06 9.21
N LYS B 326 25.47 5.06 10.06
CA LYS B 326 25.17 3.71 9.63
C LYS B 326 23.72 3.60 9.18
N VAL B 327 23.51 3.28 7.91
CA VAL B 327 22.16 3.14 7.40
C VAL B 327 21.69 1.73 7.71
N GLN B 328 20.54 1.63 8.38
CA GLN B 328 19.94 0.33 8.68
C GLN B 328 18.46 0.36 8.40
N ASN B 329 17.92 -0.79 7.99
CA ASN B 329 16.49 -0.88 7.83
C ASN B 329 15.82 -0.86 9.19
N LEU B 330 14.54 -1.22 9.23
CA LEU B 330 13.81 -1.21 10.48
C LEU B 330 14.35 -2.30 11.40
N THR B 331 14.32 -3.54 10.92
CA THR B 331 14.66 -4.70 11.72
C THR B 331 16.08 -4.67 12.31
N GLN B 332 17.03 -4.05 11.62
CA GLN B 332 18.37 -3.87 12.18
C GLN B 332 18.40 -2.80 13.26
N PHE B 333 17.64 -1.73 13.05
CA PHE B 333 17.64 -0.60 13.97
C PHE B 333 16.80 -0.90 15.21
N TYR B 334 15.81 -1.77 15.03
CA TYR B 334 14.95 -2.26 16.11
C TYR B 334 15.37 -3.65 16.62
N HIS B 335 14.94 -4.69 15.88
CA HIS B 335 15.31 -6.11 16.09
C HIS B 335 14.33 -6.96 16.93
N GLY B 351 9.11 -18.53 30.90
CA GLY B 351 9.35 -18.53 32.34
C GLY B 351 10.17 -17.33 32.79
N PHE B 352 9.69 -16.14 32.42
CA PHE B 352 10.33 -14.87 32.78
C PHE B 352 9.30 -13.86 33.27
N LEU B 353 9.74 -12.93 34.13
CA LEU B 353 8.86 -11.88 34.66
C LEU B 353 9.33 -10.53 34.13
N GLN B 354 8.57 -10.01 33.16
CA GLN B 354 8.88 -8.74 32.52
C GLN B 354 8.56 -7.63 33.50
N TYR B 355 9.53 -6.76 33.74
CA TYR B 355 9.35 -5.69 34.73
C TYR B 355 9.88 -4.36 34.17
N GLN B 356 9.03 -3.33 34.18
CA GLN B 356 9.40 -2.05 33.59
C GLN B 356 8.94 -0.92 34.50
N PHE B 357 9.77 0.11 34.63
CA PHE B 357 9.37 1.26 35.43
C PHE B 357 10.09 2.49 34.93
N VAL B 358 9.57 3.65 35.35
CA VAL B 358 10.22 4.94 35.05
C VAL B 358 10.35 5.74 36.35
N ILE B 359 11.45 6.47 36.49
CA ILE B 359 11.73 7.29 37.67
C ILE B 359 11.87 8.72 37.18
N PRO B 360 11.23 9.70 37.86
CA PRO B 360 11.26 11.09 37.39
C PRO B 360 12.70 11.55 37.11
N THR B 361 12.90 12.39 36.10
CA THR B 361 14.23 12.84 35.69
C THR B 361 15.10 13.30 36.88
N GLU B 362 14.56 14.19 37.72
CA GLU B 362 15.35 14.78 38.81
C GLU B 362 15.83 13.80 39.89
N ALA B 363 15.08 12.72 40.12
CA ALA B 363 15.50 11.71 41.07
C ALA B 363 16.54 10.75 40.47
N VAL B 364 17.62 11.30 39.92
CA VAL B 364 18.63 10.47 39.27
C VAL B 364 19.42 9.59 40.26
N ASP B 365 19.70 10.12 41.45
CA ASP B 365 20.42 9.35 42.47
C ASP B 365 19.61 8.13 42.91
N GLU B 366 18.31 8.33 43.06
CA GLU B 366 17.40 7.24 43.41
C GLU B 366 17.35 6.19 42.30
N PHE B 367 17.48 6.64 41.06
CA PHE B 367 17.48 5.73 39.91
C PHE B 367 18.72 4.84 39.98
N LYS B 368 19.86 5.46 40.26
CA LYS B 368 21.11 4.72 40.42
C LYS B 368 21.03 3.70 41.57
N LYS B 369 20.34 4.07 42.64
CA LYS B 369 20.23 3.18 43.78
C LYS B 369 19.34 1.98 43.44
N ILE B 370 18.28 2.19 42.67
CA ILE B 370 17.43 1.08 42.27
C ILE B 370 18.18 0.04 41.41
N ILE B 371 19.02 0.54 40.50
CA ILE B 371 19.90 -0.32 39.69
C ILE B 371 20.84 -1.14 40.58
N GLY B 372 21.42 -0.46 41.58
CA GLY B 372 22.25 -1.11 42.59
C GLY B 372 21.54 -2.27 43.27
N VAL B 373 20.32 -2.00 43.75
CA VAL B 373 19.50 -3.02 44.40
C VAL B 373 19.28 -4.21 43.48
N ILE B 374 19.07 -3.92 42.20
CA ILE B 374 18.77 -4.96 41.23
C ILE B 374 19.93 -5.92 41.01
N GLN B 375 21.13 -5.41 40.72
CA GLN B 375 22.21 -6.37 40.46
C GLN B 375 22.67 -7.12 41.73
N ALA B 376 22.54 -6.50 42.89
CA ALA B 376 22.91 -7.15 44.14
C ALA B 376 21.80 -8.06 44.65
N SER B 377 20.77 -8.28 43.84
CA SER B 377 19.60 -9.03 44.31
C SER B 377 19.71 -10.52 44.05
N GLY B 378 20.71 -10.93 43.28
CA GLY B 378 20.84 -12.32 42.88
C GLY B 378 20.07 -12.61 41.59
N HIS B 379 18.98 -11.89 41.39
CA HIS B 379 18.17 -12.07 40.19
C HIS B 379 18.86 -11.40 39.01
N TYR B 380 19.21 -12.19 38.01
CA TYR B 380 20.03 -11.72 36.90
C TYR B 380 19.25 -11.49 35.60
N SER B 381 19.50 -10.37 34.94
CA SER B 381 18.73 -9.99 33.76
C SER B 381 19.66 -9.61 32.61
N PHE B 382 19.50 -10.29 31.48
CA PHE B 382 20.38 -10.10 30.31
C PHE B 382 19.81 -9.05 29.34
N LEU B 383 18.52 -9.17 29.02
CA LEU B 383 17.85 -8.23 28.13
C LEU B 383 17.32 -7.00 28.90
N ASN B 384 18.09 -5.92 28.90
CA ASN B 384 17.67 -4.70 29.58
C ASN B 384 17.74 -3.48 28.70
N VAL B 385 16.58 -2.86 28.48
CA VAL B 385 16.52 -1.66 27.67
C VAL B 385 16.34 -0.43 28.55
N PHE B 386 17.18 0.56 28.31
CA PHE B 386 17.15 1.83 29.02
C PHE B 386 16.87 2.95 28.03
N LYS B 387 16.10 3.94 28.46
CA LYS B 387 15.79 5.12 27.66
C LYS B 387 15.39 6.27 28.58
N LEU B 388 15.66 7.49 28.12
CA LEU B 388 15.14 8.68 28.77
C LEU B 388 13.83 9.13 28.09
N PHE B 389 12.69 8.97 28.79
CA PHE B 389 11.40 9.48 28.30
C PHE B 389 11.39 11.01 28.26
N GLY B 390 10.56 11.55 27.36
CA GLY B 390 10.36 12.99 27.27
C GLY B 390 9.07 13.39 27.97
N PRO B 391 8.54 14.58 27.65
CA PRO B 391 7.34 15.13 28.30
C PRO B 391 6.17 14.15 28.23
N ARG B 392 5.23 14.26 29.15
CA ARG B 392 4.05 13.40 29.15
C ARG B 392 2.86 13.99 28.38
N ASN B 393 1.74 13.28 28.36
CA ASN B 393 0.54 13.79 27.74
C ASN B 393 -0.63 13.93 28.73
N GLN B 394 -1.79 14.33 28.23
CA GLN B 394 -2.93 14.68 29.08
C GLN B 394 -3.70 13.49 29.62
N ALA B 395 -3.30 12.28 29.26
CA ALA B 395 -4.04 11.08 29.67
C ALA B 395 -3.71 10.71 31.12
N PRO B 396 -4.74 10.69 32.00
CA PRO B 396 -4.54 10.42 33.42
C PRO B 396 -3.79 9.11 33.67
N LEU B 397 -4.07 8.07 32.89
CA LEU B 397 -3.41 6.80 33.09
C LEU B 397 -2.23 6.49 32.16
N SER B 398 -1.81 7.48 31.38
CA SER B 398 -0.64 7.31 30.50
C SER B 398 0.58 6.95 31.36
N PHE B 399 1.27 5.87 31.01
CA PHE B 399 2.45 5.43 31.74
C PHE B 399 3.67 6.37 31.68
N PRO B 400 4.05 6.87 30.49
CA PRO B 400 5.26 7.69 30.42
C PRO B 400 5.23 9.03 31.14
N ILE B 401 6.33 9.32 31.84
CA ILE B 401 6.63 10.66 32.35
C ILE B 401 8.10 10.94 32.07
N PRO B 402 8.52 12.22 32.02
CA PRO B 402 9.93 12.47 31.72
C PRO B 402 10.82 11.81 32.76
N GLY B 403 11.83 11.06 32.34
CA GLY B 403 12.67 10.39 33.29
C GLY B 403 13.25 9.08 32.81
N TRP B 404 13.80 8.34 33.77
CA TRP B 404 14.62 7.19 33.47
C TRP B 404 13.80 5.93 33.34
N ASN B 405 13.66 5.43 32.12
CA ASN B 405 12.89 4.22 31.90
C ASN B 405 13.80 3.00 31.72
N ILE B 406 13.32 1.84 32.16
CA ILE B 406 14.14 0.64 32.12
C ILE B 406 13.24 -0.61 32.12
N CYS B 407 13.54 -1.53 31.19
CA CYS B 407 12.83 -2.80 31.08
C CYS B 407 13.79 -3.90 31.44
N VAL B 408 13.42 -4.75 32.41
CA VAL B 408 14.24 -5.86 32.78
C VAL B 408 13.43 -7.14 32.64
N ASP B 409 14.13 -8.25 32.47
CA ASP B 409 13.51 -9.56 32.31
C ASP B 409 14.05 -10.53 33.37
N PHE B 410 13.20 -11.01 34.25
CA PHE B 410 13.68 -11.82 35.36
C PHE B 410 13.33 -13.29 35.19
N PRO B 411 14.34 -14.16 35.29
CA PRO B 411 14.08 -15.60 35.29
C PRO B 411 13.23 -15.93 36.50
N ILE B 412 12.10 -16.58 36.25
CA ILE B 412 11.23 -16.97 37.35
C ILE B 412 12.01 -17.97 38.23
N LYS B 413 12.28 -17.58 39.47
CA LYS B 413 12.88 -18.45 40.49
C LYS B 413 12.50 -17.97 41.91
N ASP B 414 12.67 -18.85 42.91
CA ASP B 414 12.25 -18.59 44.29
C ASP B 414 12.67 -17.22 44.84
N GLY B 415 11.74 -16.56 45.54
CA GLY B 415 11.98 -15.24 46.13
C GLY B 415 11.80 -14.05 45.20
N LEU B 416 11.57 -14.33 43.91
CA LEU B 416 11.41 -13.29 42.90
C LEU B 416 10.22 -12.40 43.23
N GLY B 417 9.07 -13.05 43.51
CA GLY B 417 7.83 -12.34 43.80
C GLY B 417 7.95 -11.37 44.96
N LYS B 418 8.62 -11.80 46.01
CA LYS B 418 8.80 -10.94 47.17
C LYS B 418 9.79 -9.85 46.82
N PHE B 419 10.80 -10.21 46.05
CA PHE B 419 11.80 -9.22 45.64
C PHE B 419 11.23 -8.09 44.74
N VAL B 420 10.39 -8.44 43.78
CA VAL B 420 9.80 -7.39 42.94
C VAL B 420 8.83 -6.52 43.74
N SER B 421 8.24 -7.10 44.79
CA SER B 421 7.36 -6.34 45.68
C SER B 421 8.16 -5.27 46.40
N GLU B 422 9.42 -5.56 46.67
CA GLU B 422 10.31 -4.58 47.26
C GLU B 422 10.64 -3.49 46.24
N LEU B 423 10.92 -3.94 45.01
CA LEU B 423 11.19 -3.04 43.89
C LEU B 423 10.08 -2.05 43.69
N ASP B 424 8.85 -2.57 43.59
CA ASP B 424 7.62 -1.77 43.57
C ASP B 424 7.67 -0.66 44.62
N ARG B 425 8.13 -1.03 45.82
CA ARG B 425 8.05 -0.15 46.97
C ARG B 425 9.05 0.98 46.81
N ARG B 426 10.22 0.70 46.24
CA ARG B 426 11.17 1.77 45.96
C ARG B 426 10.72 2.67 44.80
N VAL B 427 10.22 2.05 43.73
CA VAL B 427 9.76 2.80 42.57
C VAL B 427 8.68 3.78 43.02
N LEU B 428 7.75 3.26 43.81
CA LEU B 428 6.68 4.08 44.36
C LEU B 428 7.28 5.19 45.21
N GLU B 429 8.09 4.78 46.18
CA GLU B 429 8.75 5.68 47.11
C GLU B 429 9.46 6.83 46.41
N PHE B 430 10.05 6.55 45.25
CA PHE B 430 10.86 7.54 44.57
C PHE B 430 10.08 8.33 43.52
N GLY B 431 8.77 8.11 43.46
CA GLY B 431 7.91 8.91 42.58
C GLY B 431 7.69 8.41 41.15
N GLY B 432 8.02 7.15 40.91
CA GLY B 432 7.87 6.57 39.59
C GLY B 432 6.63 5.69 39.53
N ARG B 433 6.50 4.94 38.45
CA ARG B 433 5.39 4.03 38.30
C ARG B 433 5.74 2.78 37.49
N LEU B 434 4.81 1.83 37.46
CA LEU B 434 4.91 0.61 36.68
C LEU B 434 3.95 0.66 35.50
N TYR B 435 4.20 -0.19 34.51
CA TYR B 435 3.45 -0.18 33.27
C TYR B 435 2.43 -1.32 33.33
N THR B 436 1.15 -1.02 33.13
CA THR B 436 0.09 -2.05 33.16
C THR B 436 0.20 -3.11 32.05
N ALA B 437 0.75 -2.70 30.90
CA ALA B 437 0.90 -3.60 29.77
C ALA B 437 1.97 -4.64 30.05
N LYS B 438 2.73 -4.44 31.13
CA LYS B 438 3.77 -5.41 31.48
C LYS B 438 3.44 -6.08 32.80
N ASP B 439 2.39 -5.59 33.46
CA ASP B 439 2.15 -5.91 34.89
C ASP B 439 0.89 -6.71 35.20
N SER B 440 1.06 -7.71 36.05
CA SER B 440 -0.04 -8.59 36.45
C SER B 440 -0.19 -8.71 37.97
N ARG B 441 0.86 -8.36 38.71
CA ARG B 441 0.93 -8.71 40.13
C ARG B 441 0.95 -7.57 41.15
N THR B 442 0.98 -6.32 40.70
CA THR B 442 0.98 -5.21 41.66
C THR B 442 -0.38 -5.07 42.37
N THR B 443 -0.48 -4.17 43.35
CA THR B 443 -1.73 -4.00 44.11
C THR B 443 -2.44 -2.66 43.82
N ALA B 444 -3.71 -2.59 44.21
CA ALA B 444 -4.51 -1.39 43.98
C ALA B 444 -3.96 -0.16 44.71
N GLU B 445 -3.39 -0.39 45.89
CA GLU B 445 -2.86 0.72 46.69
C GLU B 445 -1.65 1.30 46.00
N THR B 446 -0.74 0.42 45.60
CA THR B 446 0.47 0.80 44.89
C THR B 446 0.11 1.52 43.59
N PHE B 447 -0.86 0.98 42.87
CA PHE B 447 -1.23 1.55 41.59
C PHE B 447 -1.80 2.94 41.76
N HIS B 448 -2.72 3.09 42.71
CA HIS B 448 -3.39 4.37 42.94
C HIS B 448 -2.43 5.44 43.41
N ALA B 449 -1.41 5.04 44.18
CA ALA B 449 -0.39 5.98 44.62
C ALA B 449 0.58 6.36 43.47
N MET B 450 0.84 5.41 42.58
CA MET B 450 1.69 5.69 41.41
C MET B 450 1.03 6.63 40.41
N TYR B 451 -0.28 6.48 40.23
CA TYR B 451 -1.05 7.33 39.33
C TYR B 451 -2.02 8.23 40.10
N PRO B 452 -1.54 9.41 40.51
CA PRO B 452 -2.32 10.27 41.42
C PRO B 452 -3.61 10.78 40.77
N ARG B 453 -3.67 10.72 39.45
CA ARG B 453 -4.86 11.19 38.74
C ARG B 453 -5.89 10.09 38.53
N VAL B 454 -5.69 8.93 39.14
CA VAL B 454 -6.63 7.81 38.93
C VAL B 454 -8.06 8.18 39.33
N ASP B 455 -8.20 8.98 40.37
CA ASP B 455 -9.52 9.37 40.86
C ASP B 455 -10.19 10.27 39.84
N GLU B 456 -9.43 11.20 39.28
CA GLU B 456 -9.91 12.00 38.16
C GLU B 456 -10.39 11.13 36.99
N TRP B 457 -9.70 10.02 36.78
CA TRP B 457 -9.98 9.14 35.65
C TRP B 457 -11.21 8.32 35.95
N ILE B 458 -11.26 7.75 37.15
CA ILE B 458 -12.38 6.90 37.57
C ILE B 458 -13.72 7.64 37.44
N SER B 459 -13.72 8.93 37.78
CA SER B 459 -14.93 9.73 37.67
C SER B 459 -15.46 9.75 36.24
N VAL B 460 -14.56 10.07 35.31
CA VAL B 460 -14.88 10.08 33.88
C VAL B 460 -15.46 8.75 33.40
N ARG B 461 -14.84 7.65 33.80
CA ARG B 461 -15.36 6.33 33.51
C ARG B 461 -16.72 6.08 34.19
N ARG B 462 -16.95 6.67 35.37
CA ARG B 462 -18.24 6.52 36.06
C ARG B 462 -19.38 7.04 35.19
N LYS B 463 -19.19 8.20 34.56
CA LYS B 463 -20.21 8.78 33.69
C LYS B 463 -20.55 7.87 32.51
N VAL B 464 -19.51 7.32 31.89
CA VAL B 464 -19.67 6.64 30.59
C VAL B 464 -19.99 5.15 30.73
N ASP B 465 -19.82 4.62 31.94
CA ASP B 465 -20.22 3.24 32.24
C ASP B 465 -20.66 3.08 33.70
N PRO B 466 -21.86 3.57 34.04
CA PRO B 466 -22.35 3.57 35.42
C PRO B 466 -22.61 2.16 35.95
N LEU B 467 -22.95 1.26 35.05
CA LEU B 467 -23.39 -0.10 35.40
C LEU B 467 -22.32 -1.18 35.21
N ARG B 468 -21.06 -0.76 35.10
CA ARG B 468 -19.93 -1.69 35.00
C ARG B 468 -20.07 -2.73 33.89
N VAL B 469 -20.44 -2.24 32.70
CA VAL B 469 -20.59 -3.06 31.50
C VAL B 469 -19.22 -3.55 31.03
N PHE B 470 -18.21 -2.70 31.15
CA PHE B 470 -16.84 -3.07 30.80
C PHE B 470 -15.98 -3.35 32.05
N ALA B 471 -15.41 -4.55 32.07
CA ALA B 471 -14.66 -5.02 33.23
C ALA B 471 -13.62 -6.01 32.75
N SER B 472 -12.54 -6.14 33.53
CA SER B 472 -11.48 -7.08 33.22
C SER B 472 -10.82 -7.56 34.50
N ASP B 473 -10.04 -8.63 34.41
CA ASP B 473 -9.27 -9.13 35.55
C ASP B 473 -8.44 -8.02 36.18
N MET B 474 -7.83 -7.18 35.35
CA MET B 474 -7.04 -6.06 35.83
C MET B 474 -7.88 -5.01 36.57
N ALA B 475 -9.02 -4.64 36.00
CA ALA B 475 -9.84 -3.57 36.56
C ALA B 475 -10.32 -3.93 37.96
N ARG B 476 -10.56 -5.21 38.20
CA ARG B 476 -11.03 -5.64 39.51
C ARG B 476 -9.85 -5.63 40.49
N ARG B 477 -8.72 -6.15 40.03
CA ARG B 477 -7.52 -6.23 40.85
C ARG B 477 -7.01 -4.85 41.26
N LEU B 478 -7.01 -3.89 40.33
CA LEU B 478 -6.47 -2.56 40.60
C LEU B 478 -7.58 -1.60 41.02
N GLU B 479 -8.80 -2.13 41.11
CA GLU B 479 -9.96 -1.35 41.56
C GLU B 479 -10.16 -0.08 40.73
N LEU B 480 -10.25 -0.28 39.42
CA LEU B 480 -10.53 0.80 38.47
C LEU B 480 -11.97 0.63 38.00
N LEU B 481 -12.49 -0.58 38.21
CA LEU B 481 -13.88 -0.92 37.92
C LEU B 481 -14.87 0.12 38.46
PA FAD C . 4.54 6.70 -23.24
O1A FAD C . 4.79 5.52 -24.16
O2A FAD C . 5.69 7.50 -22.66
O5B FAD C . 3.52 7.71 -23.95
C5B FAD C . 2.45 7.15 -24.72
C4B FAD C . 1.44 8.23 -25.05
O4B FAD C . 0.87 8.69 -23.82
C3B FAD C . 2.05 9.45 -25.71
O3B FAD C . 1.10 9.96 -26.65
C2B FAD C . 2.20 10.43 -24.57
O2B FAD C . 2.15 11.78 -25.04
C1B FAD C . 0.97 10.10 -23.75
N9A FAD C . 1.15 10.57 -22.35
C8A FAD C . 1.99 10.05 -21.46
N7A FAD C . 1.89 10.74 -20.32
C5A FAD C . 0.96 11.71 -20.51
C6A FAD C . 0.43 12.70 -19.67
N6A FAD C . 0.87 12.83 -18.41
N1A FAD C . -0.52 13.53 -20.16
C2A FAD C . -0.96 13.40 -21.43
N3A FAD C . -0.46 12.44 -22.22
C4A FAD C . 0.49 11.59 -21.78
N1 FAD C . -1.07 -1.62 -24.50
C2 FAD C . -2.32 -2.12 -24.34
O2 FAD C . -3.36 -1.28 -24.56
N3 FAD C . -2.55 -3.42 -23.99
C4 FAD C . -1.51 -4.26 -23.79
O4 FAD C . -1.66 -5.56 -23.45
C4X FAD C . -0.15 -3.72 -23.97
N5 FAD C . 0.89 -4.55 -23.76
C5X FAD C . 2.16 -4.10 -23.90
C6 FAD C . 3.23 -4.96 -23.68
C7 FAD C . 4.52 -4.51 -23.82
C7M FAD C . 5.68 -5.41 -23.59
C8 FAD C . 4.76 -3.09 -24.20
C8M FAD C . 6.18 -2.63 -24.35
C9 FAD C . 3.69 -2.22 -24.42
C9A FAD C . 2.39 -2.68 -24.28
N10 FAD C . 1.28 -1.85 -24.49
C10 FAD C . 0.01 -2.40 -24.33
C1' FAD C . 1.40 -0.43 -24.87
C2' FAD C . 1.42 0.49 -23.66
O2' FAD C . 0.51 0.01 -22.66
C3' FAD C . 0.93 1.87 -24.06
O3' FAD C . 1.67 2.34 -25.19
C4' FAD C . 1.06 2.83 -22.89
O4' FAD C . 0.41 4.05 -23.29
C5' FAD C . 2.50 3.12 -22.48
O5' FAD C . 2.51 4.05 -21.40
P FAD C . 3.75 4.99 -21.08
O1P FAD C . 3.59 5.53 -19.67
O2P FAD C . 5.00 4.23 -21.45
O3P FAD C . 3.54 6.25 -22.05
C1 G1H D . -3.13 -8.23 -26.71
C2 G1H D . -1.74 -8.32 -26.84
C3 G1H D . -0.97 -8.60 -25.71
C5 G1H D . -2.96 -8.71 -24.34
C4 G1H D . -1.57 -8.79 -24.47
C6 G1H D . -3.73 -8.42 -25.46
N8 G1H D . -1.09 -8.14 -28.09
O9 G1H D . 0.17 -7.54 -28.23
C7 G1H D . -5.23 -8.34 -25.32
F28 G1H D . -5.57 -7.51 -24.37
F27 G1H D . -5.78 -8.00 -26.48
F29 G1H D . -5.67 -9.54 -24.98
O11 G1H D . 0.39 -8.69 -25.82
C12 G1H D . 1.20 -8.95 -24.74
N13 G1H D . 0.68 -9.17 -23.51
C14 G1H D . -0.69 -9.08 -23.32
O15 G1H D . -1.21 -9.26 -22.20
N16 G1H D . 2.57 -9.07 -25.03
C21 G1H D . 3.58 -8.91 -23.99
C22 G1H D . 3.63 -10.16 -23.14
C20 G1H D . 4.92 -8.70 -24.69
C19 G1H D . 4.76 -7.86 -25.95
C18 G1H D . 4.01 -8.62 -27.04
C17 G1H D . 2.87 -9.45 -26.44
C23 G1H D . 3.16 -10.96 -26.60
PA FAD E . -4.16 -6.70 24.06
O1A FAD E . -2.87 -7.09 24.71
O2A FAD E . -5.10 -7.73 23.44
O5B FAD E . -5.02 -5.74 25.00
C5B FAD E . -4.32 -4.77 25.75
C4B FAD E . -5.29 -3.72 26.23
O4B FAD E . -5.82 -3.04 25.10
C3B FAD E . -6.48 -4.32 26.97
O3B FAD E . -6.83 -3.43 28.05
C2B FAD E . -7.58 -4.29 25.94
O2B FAD E . -8.87 -4.15 26.53
C1B FAD E . -7.25 -3.02 25.19
N9A FAD E . -7.87 -3.02 23.85
C8A FAD E . -7.50 -3.79 22.80
N7A FAD E . -8.30 -3.53 21.75
C5A FAD E . -9.19 -2.59 22.15
C6A FAD E . -10.24 -1.93 21.51
N6A FAD E . -10.55 -2.23 20.23
N1A FAD E . -10.99 -1.02 22.19
C2A FAD E . -10.69 -0.73 23.47
N3A FAD E . -9.68 -1.35 24.10
C4A FAD E . -8.92 -2.27 23.47
N1 FAD E . 4.59 -1.64 24.77
C2 FAD E . 5.15 -0.41 24.67
O2 FAD E . 4.41 0.66 25.06
N3 FAD E . 6.40 -0.22 24.19
C4 FAD E . 7.16 -1.27 23.77
O4 FAD E . 8.42 -1.12 23.27
C4X FAD E . 6.57 -2.62 23.89
N5 FAD E . 7.32 -3.68 23.50
C5X FAD E . 6.80 -4.93 23.58
C6 FAD E . 7.56 -6.01 23.17
C7 FAD E . 7.04 -7.28 23.26
C7M FAD E . 7.86 -8.46 22.82
C8 FAD E . 5.66 -7.49 23.79
C8M FAD E . 5.10 -8.90 23.88
C9 FAD E . 4.88 -6.41 24.19
C9A FAD E . 5.42 -5.13 24.11
N10 FAD E . 4.66 -4.00 24.52
C10 FAD E . 5.28 -2.74 24.40
C1' FAD E . 3.30 -4.10 25.05
C2' FAD E . 2.25 -3.97 23.95
O2' FAD E . 2.69 -3.00 22.99
C3' FAD E . 0.96 -3.45 24.52
O3' FAD E . 0.56 -4.23 25.66
C4' FAD E . -0.13 -3.40 23.47
O4' FAD E . -1.29 -2.76 24.05
C5' FAD E . -0.52 -4.77 22.96
O5' FAD E . -1.64 -4.60 22.07
P FAD E . -2.68 -5.78 21.77
O1P FAD E . -3.32 -5.50 20.43
O2P FAD E . -1.95 -7.08 22.01
O3P FAD E . -3.81 -5.60 22.90
C1 G1H F . 11.55 -0.20 26.23
C2 G1H F . 11.47 -1.59 26.19
C3 G1H F . 11.55 -2.27 24.98
C5 G1H F . 11.81 -0.15 23.83
C4 G1H F . 11.72 -1.55 23.81
C6 G1H F . 11.73 0.53 25.05
N8 G1H F . 11.30 -2.37 27.35
O9 G1H F . 10.61 -3.59 27.28
C7 G1H F . 11.83 2.04 25.08
F28 G1H F . 10.87 2.55 24.33
F27 G1H F . 11.72 2.48 26.32
F29 G1H F . 12.98 2.45 24.55
O11 G1H F . 11.47 -3.64 24.93
C12 G1H F . 11.54 -4.33 23.76
N13 G1H F . 11.71 -3.67 22.59
C14 G1H F . 11.80 -2.32 22.54
O15 G1H F . 11.95 -1.71 21.46
#